data_6H48
# 
_entry.id   6H48 
# 
_audit_conform.dict_name       mmcif_pdbx.dic 
_audit_conform.dict_version    5.397 
_audit_conform.dict_location   http://mmcif.pdb.org/dictionaries/ascii/mmcif_pdbx.dic 
# 
loop_
_database_2.database_id 
_database_2.database_code 
_database_2.pdbx_database_accession 
_database_2.pdbx_DOI 
PDB   6H48         pdb_00006h48 10.2210/pdb6h48/pdb 
WWPDB D_1200011012 ?            ?                   
# 
loop_
_pdbx_audit_revision_history.ordinal 
_pdbx_audit_revision_history.data_content_type 
_pdbx_audit_revision_history.major_revision 
_pdbx_audit_revision_history.minor_revision 
_pdbx_audit_revision_history.revision_date 
1 'Structure model' 1 0 2019-08-28 
2 'Structure model' 1 1 2024-10-23 
# 
_pdbx_audit_revision_details.ordinal             1 
_pdbx_audit_revision_details.revision_ordinal    1 
_pdbx_audit_revision_details.data_content_type   'Structure model' 
_pdbx_audit_revision_details.provider            repository 
_pdbx_audit_revision_details.type                'Initial release' 
_pdbx_audit_revision_details.description         ? 
_pdbx_audit_revision_details.details             ? 
# 
loop_
_pdbx_audit_revision_group.ordinal 
_pdbx_audit_revision_group.revision_ordinal 
_pdbx_audit_revision_group.data_content_type 
_pdbx_audit_revision_group.group 
1 2 'Structure model' 'Data collection'     
2 2 'Structure model' 'Database references' 
3 2 'Structure model' 'Structure summary'   
# 
loop_
_pdbx_audit_revision_category.ordinal 
_pdbx_audit_revision_category.revision_ordinal 
_pdbx_audit_revision_category.data_content_type 
_pdbx_audit_revision_category.category 
1 2 'Structure model' chem_comp_atom            
2 2 'Structure model' chem_comp_bond            
3 2 'Structure model' database_2                
4 2 'Structure model' pdbx_entry_details        
5 2 'Structure model' pdbx_modification_feature 
# 
loop_
_pdbx_audit_revision_item.ordinal 
_pdbx_audit_revision_item.revision_ordinal 
_pdbx_audit_revision_item.data_content_type 
_pdbx_audit_revision_item.item 
1 2 'Structure model' '_database_2.pdbx_DOI'                
2 2 'Structure model' '_database_2.pdbx_database_accession' 
# 
_pdbx_database_status.status_code                     REL 
_pdbx_database_status.status_code_sf                  REL 
_pdbx_database_status.status_code_mr                  ? 
_pdbx_database_status.entry_id                        6H48 
_pdbx_database_status.recvd_initial_deposition_date   2018-07-20 
_pdbx_database_status.SG_entry                        N 
_pdbx_database_status.deposit_site                    PDBE 
_pdbx_database_status.process_site                    PDBE 
_pdbx_database_status.status_code_cs                  ? 
_pdbx_database_status.methods_development_category    ? 
_pdbx_database_status.pdb_format_compatible           Y 
_pdbx_database_status.status_code_nmr_data            ? 
# 
loop_
_audit_author.name 
_audit_author.pdbx_ordinal 
_audit_author.identifier_ORCID 
'Ciges-Tomas, J.R.' 1 0000-0003-2647-3052 
'Alite, C.'         2 ?                   
'Bowring, J.Z.'     3 ?                   
'Donderis, J.'      4 ?                   
'Penades, J.R.'     5 ?                   
'Marina, A.'        6 ?                   
# 
_citation.abstract                  ? 
_citation.abstract_id_CAS           ? 
_citation.book_id_ISBN              ? 
_citation.book_publisher            ? 
_citation.book_publisher_city       ? 
_citation.book_title                ? 
_citation.coordinate_linkage        ? 
_citation.country                   UK 
_citation.database_id_Medline       ? 
_citation.details                   ? 
_citation.id                        primary 
_citation.journal_abbrev            'Nat Commun' 
_citation.journal_id_ASTM           ? 
_citation.journal_id_CSD            ? 
_citation.journal_id_ISSN           2041-1723 
_citation.journal_full              ? 
_citation.journal_issue             ? 
_citation.journal_volume            10 
_citation.language                  ? 
_citation.page_first                3676 
_citation.page_last                 3676 
_citation.title                     
'The structure of a polygamous repressor reveals how phage-inducible chromosomal islands spread in nature.' 
_citation.year                      2019 
_citation.database_id_CSD           ? 
_citation.pdbx_database_id_DOI      10.1038/s41467-019-11504-2 
_citation.pdbx_database_id_PubMed   31417084 
_citation.unpublished_flag          ? 
# 
loop_
_citation_author.citation_id 
_citation_author.name 
_citation_author.ordinal 
_citation_author.identifier_ORCID 
primary 'Rafael Ciges-Tomas, J.' 1 0000-0003-2647-3052 
primary 'Alite, C.'              2 ?                   
primary 'Humphrey, S.'           3 0000-0002-9893-3209 
primary 'Donderis, J.'           4 ?                   
primary 'Bowring, J.'            5 ?                   
primary 'Salvatella, X.'         6 0000-0002-8371-4185 
primary 'Penades, J.R.'          7 0000-0002-6439-5262 
primary 'Marina, A.'             8 0000-0002-1334-5273 
# 
loop_
_entity.id 
_entity.type 
_entity.src_method 
_entity.pdbx_description 
_entity.formula_weight 
_entity.pdbx_number_of_molecules 
_entity.pdbx_ec 
_entity.pdbx_mutation 
_entity.pdbx_fragment 
_entity.details 
1 polymer man Orf20 11582.222 1  ? ? ? ? 
2 water   nat water 18.015    19 ? ? ? ? 
# 
_entity_name_com.entity_id   1 
_entity_name_com.name        Stl 
# 
_entity_poly.entity_id                      1 
_entity_poly.type                           'polypeptide(L)' 
_entity_poly.nstd_linkage                   no 
_entity_poly.nstd_monomer                   yes 
_entity_poly.pdbx_seq_one_letter_code       
;GPGKKREVTIEEIGEFHEKYLKLLFTNLETHNDRKKALAEIEKLKEESIYLGEKLRLVPNHHYDAIKGKP(MSE)YKLYL
YEYPDRLEHQKKIILEKDTN
;
_entity_poly.pdbx_seq_one_letter_code_can   
;GPGKKREVTIEEIGEFHEKYLKLLFTNLETHNDRKKALAEIEKLKEESIYLGEKLRLVPNHHYDAIKGKPMYKLYLYEYP
DRLEHQKKIILEKDTN
;
_entity_poly.pdbx_strand_id                 A 
_entity_poly.pdbx_target_identifier         ? 
# 
_pdbx_entity_nonpoly.entity_id   2 
_pdbx_entity_nonpoly.name        water 
_pdbx_entity_nonpoly.comp_id     HOH 
# 
loop_
_entity_poly_seq.entity_id 
_entity_poly_seq.num 
_entity_poly_seq.mon_id 
_entity_poly_seq.hetero 
1 1  GLY n 
1 2  PRO n 
1 3  GLY n 
1 4  LYS n 
1 5  LYS n 
1 6  ARG n 
1 7  GLU n 
1 8  VAL n 
1 9  THR n 
1 10 ILE n 
1 11 GLU n 
1 12 GLU n 
1 13 ILE n 
1 14 GLY n 
1 15 GLU n 
1 16 PHE n 
1 17 HIS n 
1 18 GLU n 
1 19 LYS n 
1 20 TYR n 
1 21 LEU n 
1 22 LYS n 
1 23 LEU n 
1 24 LEU n 
1 25 PHE n 
1 26 THR n 
1 27 ASN n 
1 28 LEU n 
1 29 GLU n 
1 30 THR n 
1 31 HIS n 
1 32 ASN n 
1 33 ASP n 
1 34 ARG n 
1 35 LYS n 
1 36 LYS n 
1 37 ALA n 
1 38 LEU n 
1 39 ALA n 
1 40 GLU n 
1 41 ILE n 
1 42 GLU n 
1 43 LYS n 
1 44 LEU n 
1 45 LYS n 
1 46 GLU n 
1 47 GLU n 
1 48 SER n 
1 49 ILE n 
1 50 TYR n 
1 51 LEU n 
1 52 GLY n 
1 53 GLU n 
1 54 LYS n 
1 55 LEU n 
1 56 ARG n 
1 57 LEU n 
1 58 VAL n 
1 59 PRO n 
1 60 ASN n 
1 61 HIS n 
1 62 HIS n 
1 63 TYR n 
1 64 ASP n 
1 65 ALA n 
1 66 ILE n 
1 67 LYS n 
1 68 GLY n 
1 69 LYS n 
1 70 PRO n 
1 71 MSE n 
1 72 TYR n 
1 73 LYS n 
1 74 LEU n 
1 75 TYR n 
1 76 LEU n 
1 77 TYR n 
1 78 GLU n 
1 79 TYR n 
1 80 PRO n 
1 81 ASP n 
1 82 ARG n 
1 83 LEU n 
1 84 GLU n 
1 85 HIS n 
1 86 GLN n 
1 87 LYS n 
1 88 LYS n 
1 89 ILE n 
1 90 ILE n 
1 91 LEU n 
1 92 GLU n 
1 93 LYS n 
1 94 ASP n 
1 95 THR n 
1 96 ASN n 
# 
_entity_src_gen.entity_id                          1 
_entity_src_gen.pdbx_src_id                        1 
_entity_src_gen.pdbx_alt_source_flag               sample 
_entity_src_gen.pdbx_seq_type                      'Biological sequence' 
_entity_src_gen.pdbx_beg_seq_num                   1 
_entity_src_gen.pdbx_end_seq_num                   96 
_entity_src_gen.gene_src_common_name               ? 
_entity_src_gen.gene_src_genus                     ? 
_entity_src_gen.pdbx_gene_src_gene                 ? 
_entity_src_gen.gene_src_species                   ? 
_entity_src_gen.gene_src_strain                    ? 
_entity_src_gen.gene_src_tissue                    ? 
_entity_src_gen.gene_src_tissue_fraction           ? 
_entity_src_gen.gene_src_details                   ? 
_entity_src_gen.pdbx_gene_src_fragment             ? 
_entity_src_gen.pdbx_gene_src_scientific_name      'Staphylococcus aureus' 
_entity_src_gen.pdbx_gene_src_ncbi_taxonomy_id     1280 
_entity_src_gen.pdbx_gene_src_variant              ? 
_entity_src_gen.pdbx_gene_src_cell_line            ? 
_entity_src_gen.pdbx_gene_src_atcc                 ? 
_entity_src_gen.pdbx_gene_src_organ                ? 
_entity_src_gen.pdbx_gene_src_organelle            ? 
_entity_src_gen.pdbx_gene_src_cell                 ? 
_entity_src_gen.pdbx_gene_src_cellular_location    ? 
_entity_src_gen.host_org_common_name               ? 
_entity_src_gen.pdbx_host_org_scientific_name      'Escherichia coli' 
_entity_src_gen.pdbx_host_org_ncbi_taxonomy_id     562 
_entity_src_gen.host_org_genus                     ? 
_entity_src_gen.pdbx_host_org_gene                 ? 
_entity_src_gen.pdbx_host_org_organ                ? 
_entity_src_gen.host_org_species                   ? 
_entity_src_gen.pdbx_host_org_tissue               ? 
_entity_src_gen.pdbx_host_org_tissue_fraction      ? 
_entity_src_gen.pdbx_host_org_strain               ? 
_entity_src_gen.pdbx_host_org_variant              ? 
_entity_src_gen.pdbx_host_org_cell_line            ? 
_entity_src_gen.pdbx_host_org_atcc                 ? 
_entity_src_gen.pdbx_host_org_culture_collection   ? 
_entity_src_gen.pdbx_host_org_cell                 ? 
_entity_src_gen.pdbx_host_org_organelle            ? 
_entity_src_gen.pdbx_host_org_cellular_location    ? 
_entity_src_gen.pdbx_host_org_vector_type          ? 
_entity_src_gen.pdbx_host_org_vector               ? 
_entity_src_gen.host_org_details                   ? 
_entity_src_gen.expression_system_id               ? 
_entity_src_gen.plasmid_name                       ? 
_entity_src_gen.plasmid_details                    ? 
_entity_src_gen.pdbx_description                   ? 
# 
loop_
_chem_comp.id 
_chem_comp.type 
_chem_comp.mon_nstd_flag 
_chem_comp.name 
_chem_comp.pdbx_synonyms 
_chem_comp.formula 
_chem_comp.formula_weight 
ALA 'L-peptide linking' y ALANINE          ? 'C3 H7 N O2'     89.093  
ARG 'L-peptide linking' y ARGININE         ? 'C6 H15 N4 O2 1' 175.209 
ASN 'L-peptide linking' y ASPARAGINE       ? 'C4 H8 N2 O3'    132.118 
ASP 'L-peptide linking' y 'ASPARTIC ACID'  ? 'C4 H7 N O4'     133.103 
GLN 'L-peptide linking' y GLUTAMINE        ? 'C5 H10 N2 O3'   146.144 
GLU 'L-peptide linking' y 'GLUTAMIC ACID'  ? 'C5 H9 N O4'     147.129 
GLY 'peptide linking'   y GLYCINE          ? 'C2 H5 N O2'     75.067  
HIS 'L-peptide linking' y HISTIDINE        ? 'C6 H10 N3 O2 1' 156.162 
HOH non-polymer         . WATER            ? 'H2 O'           18.015  
ILE 'L-peptide linking' y ISOLEUCINE       ? 'C6 H13 N O2'    131.173 
LEU 'L-peptide linking' y LEUCINE          ? 'C6 H13 N O2'    131.173 
LYS 'L-peptide linking' y LYSINE           ? 'C6 H15 N2 O2 1' 147.195 
MSE 'L-peptide linking' n SELENOMETHIONINE ? 'C5 H11 N O2 Se' 196.106 
PHE 'L-peptide linking' y PHENYLALANINE    ? 'C9 H11 N O2'    165.189 
PRO 'L-peptide linking' y PROLINE          ? 'C5 H9 N O2'     115.130 
SER 'L-peptide linking' y SERINE           ? 'C3 H7 N O3'     105.093 
THR 'L-peptide linking' y THREONINE        ? 'C4 H9 N O3'     119.119 
TYR 'L-peptide linking' y TYROSINE         ? 'C9 H11 N O3'    181.189 
VAL 'L-peptide linking' y VALINE           ? 'C5 H11 N O2'    117.146 
# 
loop_
_pdbx_poly_seq_scheme.asym_id 
_pdbx_poly_seq_scheme.entity_id 
_pdbx_poly_seq_scheme.seq_id 
_pdbx_poly_seq_scheme.mon_id 
_pdbx_poly_seq_scheme.ndb_seq_num 
_pdbx_poly_seq_scheme.pdb_seq_num 
_pdbx_poly_seq_scheme.auth_seq_num 
_pdbx_poly_seq_scheme.pdb_mon_id 
_pdbx_poly_seq_scheme.auth_mon_id 
_pdbx_poly_seq_scheme.pdb_strand_id 
_pdbx_poly_seq_scheme.pdb_ins_code 
_pdbx_poly_seq_scheme.hetero 
A 1 1  GLY 1  172 ?   ?   ?   A . n 
A 1 2  PRO 2  173 ?   ?   ?   A . n 
A 1 3  GLY 3  174 ?   ?   ?   A . n 
A 1 4  LYS 4  175 ?   ?   ?   A . n 
A 1 5  LYS 5  176 ?   ?   ?   A . n 
A 1 6  ARG 6  177 ?   ?   ?   A . n 
A 1 7  GLU 7  178 178 GLU GLU A . n 
A 1 8  VAL 8  179 179 VAL VAL A . n 
A 1 9  THR 9  180 180 THR THR A . n 
A 1 10 ILE 10 181 181 ILE ILE A . n 
A 1 11 GLU 11 182 182 GLU GLU A . n 
A 1 12 GLU 12 183 183 GLU GLU A . n 
A 1 13 ILE 13 184 184 ILE ILE A . n 
A 1 14 GLY 14 185 185 GLY GLY A . n 
A 1 15 GLU 15 186 186 GLU GLU A . n 
A 1 16 PHE 16 187 187 PHE PHE A . n 
A 1 17 HIS 17 188 188 HIS HIS A . n 
A 1 18 GLU 18 189 189 GLU GLU A . n 
A 1 19 LYS 19 190 190 LYS LYS A . n 
A 1 20 TYR 20 191 191 TYR TYR A . n 
A 1 21 LEU 21 192 192 LEU LEU A . n 
A 1 22 LYS 22 193 193 LYS LYS A . n 
A 1 23 LEU 23 194 194 LEU LEU A . n 
A 1 24 LEU 24 195 195 LEU LEU A . n 
A 1 25 PHE 25 196 196 PHE PHE A . n 
A 1 26 THR 26 197 197 THR THR A . n 
A 1 27 ASN 27 198 198 ASN ASN A . n 
A 1 28 LEU 28 199 199 LEU LEU A . n 
A 1 29 GLU 29 200 200 GLU GLU A . n 
A 1 30 THR 30 201 201 THR THR A . n 
A 1 31 HIS 31 202 202 HIS HIS A . n 
A 1 32 ASN 32 203 203 ASN ASN A . n 
A 1 33 ASP 33 204 204 ASP ASP A . n 
A 1 34 ARG 34 205 205 ARG ARG A . n 
A 1 35 LYS 35 206 206 LYS LYS A . n 
A 1 36 LYS 36 207 207 LYS LYS A . n 
A 1 37 ALA 37 208 208 ALA ALA A . n 
A 1 38 LEU 38 209 209 LEU LEU A . n 
A 1 39 ALA 39 210 210 ALA ALA A . n 
A 1 40 GLU 40 211 211 GLU GLU A . n 
A 1 41 ILE 41 212 212 ILE ILE A . n 
A 1 42 GLU 42 213 213 GLU GLU A . n 
A 1 43 LYS 43 214 214 LYS LYS A . n 
A 1 44 LEU 44 215 215 LEU LEU A . n 
A 1 45 LYS 45 216 216 LYS LYS A . n 
A 1 46 GLU 46 217 217 GLU GLU A . n 
A 1 47 GLU 47 218 218 GLU GLU A . n 
A 1 48 SER 48 219 219 SER SER A . n 
A 1 49 ILE 49 220 220 ILE ILE A . n 
A 1 50 TYR 50 221 221 TYR TYR A . n 
A 1 51 LEU 51 222 222 LEU LEU A . n 
A 1 52 GLY 52 223 223 GLY GLY A . n 
A 1 53 GLU 53 224 224 GLU GLU A . n 
A 1 54 LYS 54 225 225 LYS LYS A . n 
A 1 55 LEU 55 226 226 LEU LEU A . n 
A 1 56 ARG 56 227 227 ARG ARG A . n 
A 1 57 LEU 57 228 ?   ?   ?   A . n 
A 1 58 VAL 58 229 ?   ?   ?   A . n 
A 1 59 PRO 59 230 ?   ?   ?   A . n 
A 1 60 ASN 60 231 ?   ?   ?   A . n 
A 1 61 HIS 61 232 ?   ?   ?   A . n 
A 1 62 HIS 62 233 ?   ?   ?   A . n 
A 1 63 TYR 63 234 ?   ?   ?   A . n 
A 1 64 ASP 64 235 ?   ?   ?   A . n 
A 1 65 ALA 65 236 ?   ?   ?   A . n 
A 1 66 ILE 66 237 ?   ?   ?   A . n 
A 1 67 LYS 67 238 ?   ?   ?   A . n 
A 1 68 GLY 68 239 ?   ?   ?   A . n 
A 1 69 LYS 69 240 240 LYS LYS A . n 
A 1 70 PRO 70 241 241 PRO PRO A . n 
A 1 71 MSE 71 242 242 MSE MSE A . n 
A 1 72 TYR 72 243 243 TYR TYR A . n 
A 1 73 LYS 73 244 244 LYS LYS A . n 
A 1 74 LEU 74 245 245 LEU LEU A . n 
A 1 75 TYR 75 246 246 TYR TYR A . n 
A 1 76 LEU 76 247 247 LEU LEU A . n 
A 1 77 TYR 77 248 248 TYR TYR A . n 
A 1 78 GLU 78 249 249 GLU GLU A . n 
A 1 79 TYR 79 250 250 TYR TYR A . n 
A 1 80 PRO 80 251 251 PRO PRO A . n 
A 1 81 ASP 81 252 252 ASP ASP A . n 
A 1 82 ARG 82 253 253 ARG ARG A . n 
A 1 83 LEU 83 254 254 LEU LEU A . n 
A 1 84 GLU 84 255 255 GLU GLU A . n 
A 1 85 HIS 85 256 256 HIS HIS A . n 
A 1 86 GLN 86 257 257 GLN GLN A . n 
A 1 87 LYS 87 258 258 LYS LYS A . n 
A 1 88 LYS 88 259 259 LYS LYS A . n 
A 1 89 ILE 89 260 260 ILE ILE A . n 
A 1 90 ILE 90 261 261 ILE ILE A . n 
A 1 91 LEU 91 262 262 LEU LEU A . n 
A 1 92 GLU 92 263 263 GLU GLU A . n 
A 1 93 LYS 93 264 264 LYS LYS A . n 
A 1 94 ASP 94 265 265 ASP ASP A . n 
A 1 95 THR 95 266 266 THR THR A . n 
A 1 96 ASN 96 267 ?   ?   ?   A . n 
# 
loop_
_pdbx_nonpoly_scheme.asym_id 
_pdbx_nonpoly_scheme.entity_id 
_pdbx_nonpoly_scheme.mon_id 
_pdbx_nonpoly_scheme.ndb_seq_num 
_pdbx_nonpoly_scheme.pdb_seq_num 
_pdbx_nonpoly_scheme.auth_seq_num 
_pdbx_nonpoly_scheme.pdb_mon_id 
_pdbx_nonpoly_scheme.auth_mon_id 
_pdbx_nonpoly_scheme.pdb_strand_id 
_pdbx_nonpoly_scheme.pdb_ins_code 
B 2 HOH 1  301 6  HOH HOH A . 
B 2 HOH 2  302 5  HOH HOH A . 
B 2 HOH 3  303 7  HOH HOH A . 
B 2 HOH 4  304 3  HOH HOH A . 
B 2 HOH 5  305 1  HOH HOH A . 
B 2 HOH 6  306 2  HOH HOH A . 
B 2 HOH 7  307 9  HOH HOH A . 
B 2 HOH 8  308 17 HOH HOH A . 
B 2 HOH 9  309 8  HOH HOH A . 
B 2 HOH 10 310 14 HOH HOH A . 
B 2 HOH 11 311 12 HOH HOH A . 
B 2 HOH 12 312 18 HOH HOH A . 
B 2 HOH 13 313 15 HOH HOH A . 
B 2 HOH 14 314 10 HOH HOH A . 
B 2 HOH 15 315 19 HOH HOH A . 
B 2 HOH 16 316 16 HOH HOH A . 
B 2 HOH 17 317 21 HOH HOH A . 
B 2 HOH 18 318 22 HOH HOH A . 
B 2 HOH 19 319 13 HOH HOH A . 
# 
loop_
_software.citation_id 
_software.classification 
_software.compiler_name 
_software.compiler_version 
_software.contact_author 
_software.contact_author_email 
_software.date 
_software.description 
_software.dependencies 
_software.hardware 
_software.language 
_software.location 
_software.mods 
_software.name 
_software.os 
_software.os_version 
_software.type 
_software.version 
_software.pdbx_ordinal 
? 'data scaling'    ? ? ? ? ? ? ? ? ? ? ? SCALA       ? ? ? 3.3.22 1 
? phasing           ? ? ? ? ? ? ? ? ? ? ? SOLVE       ? ? ? .      2 
? refinement        ? ? ? ? ? ? ? ? ? ? ? REFMAC      ? ? ? .      3 
? 'data extraction' ? ? ? ? ? ? ? ? ? ? ? PDB_EXTRACT ? ? ? 3.24   4 
? 'data reduction'  ? ? ? ? ? ? ? ? ? ? ? XDS         ? ? ? .      5 
# 
_cell.angle_alpha                  90.000 
_cell.angle_alpha_esd              ? 
_cell.angle_beta                   90.000 
_cell.angle_beta_esd               ? 
_cell.angle_gamma                  120.000 
_cell.angle_gamma_esd              ? 
_cell.entry_id                     6H48 
_cell.details                      ? 
_cell.formula_units_Z              ? 
_cell.length_a                     77.357 
_cell.length_a_esd                 ? 
_cell.length_b                     77.357 
_cell.length_b_esd                 ? 
_cell.length_c                     37.318 
_cell.length_c_esd                 ? 
_cell.volume                       ? 
_cell.volume_esd                   ? 
_cell.Z_PDB                        6 
_cell.reciprocal_angle_alpha       ? 
_cell.reciprocal_angle_beta        ? 
_cell.reciprocal_angle_gamma       ? 
_cell.reciprocal_angle_alpha_esd   ? 
_cell.reciprocal_angle_beta_esd    ? 
_cell.reciprocal_angle_gamma_esd   ? 
_cell.reciprocal_length_a          ? 
_cell.reciprocal_length_b          ? 
_cell.reciprocal_length_c          ? 
_cell.reciprocal_length_a_esd      ? 
_cell.reciprocal_length_b_esd      ? 
_cell.reciprocal_length_c_esd      ? 
_cell.pdbx_unique_axis             ? 
# 
_symmetry.entry_id                         6H48 
_symmetry.cell_setting                     ? 
_symmetry.Int_Tables_number                150 
_symmetry.space_group_name_Hall            ? 
_symmetry.space_group_name_H-M             'P 3 2 1' 
_symmetry.pdbx_full_space_group_name_H-M   ? 
# 
_exptl.absorpt_coefficient_mu     ? 
_exptl.absorpt_correction_T_max   ? 
_exptl.absorpt_correction_T_min   ? 
_exptl.absorpt_correction_type    ? 
_exptl.absorpt_process_details    ? 
_exptl.entry_id                   6H48 
_exptl.crystals_number            1 
_exptl.details                    ? 
_exptl.method                     'X-RAY DIFFRACTION' 
_exptl.method_details             ? 
# 
_exptl_crystal.colour                      ? 
_exptl_crystal.density_diffrn              ? 
_exptl_crystal.density_Matthews            2.98 
_exptl_crystal.density_method              ? 
_exptl_crystal.density_percent_sol         58.76 
_exptl_crystal.description                 ? 
_exptl_crystal.F_000                       ? 
_exptl_crystal.id                          1 
_exptl_crystal.preparation                 ? 
_exptl_crystal.size_max                    ? 
_exptl_crystal.size_mid                    ? 
_exptl_crystal.size_min                    ? 
_exptl_crystal.size_rad                    ? 
_exptl_crystal.colour_lustre               ? 
_exptl_crystal.colour_modifier             ? 
_exptl_crystal.colour_primary              ? 
_exptl_crystal.density_meas                ? 
_exptl_crystal.density_meas_esd            ? 
_exptl_crystal.density_meas_gt             ? 
_exptl_crystal.density_meas_lt             ? 
_exptl_crystal.density_meas_temp           ? 
_exptl_crystal.density_meas_temp_esd       ? 
_exptl_crystal.density_meas_temp_gt        ? 
_exptl_crystal.density_meas_temp_lt        ? 
_exptl_crystal.pdbx_crystal_image_url      ? 
_exptl_crystal.pdbx_crystal_image_format   ? 
_exptl_crystal.pdbx_mosaicity              ? 
_exptl_crystal.pdbx_mosaicity_esd          ? 
# 
_exptl_crystal_grow.apparatus       ? 
_exptl_crystal_grow.atmosphere      ? 
_exptl_crystal_grow.crystal_id      1 
_exptl_crystal_grow.details         ? 
_exptl_crystal_grow.method          'VAPOR DIFFUSION, SITTING DROP' 
_exptl_crystal_grow.method_ref      ? 
_exptl_crystal_grow.pH              ? 
_exptl_crystal_grow.pressure        ? 
_exptl_crystal_grow.pressure_esd    ? 
_exptl_crystal_grow.seeding         ? 
_exptl_crystal_grow.seeding_ref     ? 
_exptl_crystal_grow.temp            294.15 
_exptl_crystal_grow.temp_details    ? 
_exptl_crystal_grow.temp_esd        ? 
_exptl_crystal_grow.time            ? 
_exptl_crystal_grow.pdbx_details    
;40%PEG3350 
0.1M Bis-Tris 
0.2M Na-thiocyanate
;
_exptl_crystal_grow.pdbx_pH_range   ? 
# 
_diffrn.ambient_environment    ? 
_diffrn.ambient_temp           100 
_diffrn.ambient_temp_details   ? 
_diffrn.ambient_temp_esd       ? 
_diffrn.crystal_id             1 
_diffrn.crystal_support        ? 
_diffrn.crystal_treatment      ? 
_diffrn.details                ? 
_diffrn.id                     1 
_diffrn.ambient_pressure       ? 
_diffrn.ambient_pressure_esd   ? 
_diffrn.ambient_pressure_gt    ? 
_diffrn.ambient_pressure_lt    ? 
_diffrn.ambient_temp_gt        ? 
_diffrn.ambient_temp_lt        ? 
# 
_diffrn_detector.details                      ? 
_diffrn_detector.detector                     PIXEL 
_diffrn_detector.diffrn_id                    1 
_diffrn_detector.type                         'DECTRIS PILATUS3 S 6M' 
_diffrn_detector.area_resol_mean              ? 
_diffrn_detector.dtime                        ? 
_diffrn_detector.pdbx_frames_total            ? 
_diffrn_detector.pdbx_collection_time_total   ? 
_diffrn_detector.pdbx_collection_date         2017-06-08 
# 
_diffrn_radiation.collimation                      ? 
_diffrn_radiation.diffrn_id                        1 
_diffrn_radiation.filter_edge                      ? 
_diffrn_radiation.inhomogeneity                    ? 
_diffrn_radiation.monochromator                    ? 
_diffrn_radiation.polarisn_norm                    ? 
_diffrn_radiation.polarisn_ratio                   ? 
_diffrn_radiation.probe                            ? 
_diffrn_radiation.type                             ? 
_diffrn_radiation.xray_symbol                      ? 
_diffrn_radiation.wavelength_id                    1 
_diffrn_radiation.pdbx_monochromatic_or_laue_m_l   M 
_diffrn_radiation.pdbx_wavelength_list             ? 
_diffrn_radiation.pdbx_wavelength                  ? 
_diffrn_radiation.pdbx_diffrn_protocol             'SINGLE WAVELENGTH' 
_diffrn_radiation.pdbx_analyzer                    ? 
_diffrn_radiation.pdbx_scattering_type             x-ray 
# 
_diffrn_radiation_wavelength.id           1 
_diffrn_radiation_wavelength.wavelength   0.97926 
_diffrn_radiation_wavelength.wt           1.0 
# 
_diffrn_source.current                     ? 
_diffrn_source.details                     ? 
_diffrn_source.diffrn_id                   1 
_diffrn_source.power                       ? 
_diffrn_source.size                        ? 
_diffrn_source.source                      SYNCHROTRON 
_diffrn_source.target                      ? 
_diffrn_source.type                        'ALBA BEAMLINE XALOC' 
_diffrn_source.voltage                     ? 
_diffrn_source.take-off_angle              ? 
_diffrn_source.pdbx_wavelength_list        0.97926 
_diffrn_source.pdbx_wavelength             ? 
_diffrn_source.pdbx_synchrotron_beamline   XALOC 
_diffrn_source.pdbx_synchrotron_site       ALBA 
# 
_reflns.B_iso_Wilson_estimate            ? 
_reflns.entry_id                         6H48 
_reflns.data_reduction_details           ? 
_reflns.data_reduction_method            ? 
_reflns.d_resolution_high                2.2 
_reflns.d_resolution_low                 66.993 
_reflns.details                          ? 
_reflns.limit_h_max                      ? 
_reflns.limit_h_min                      ? 
_reflns.limit_k_max                      ? 
_reflns.limit_k_min                      ? 
_reflns.limit_l_max                      ? 
_reflns.limit_l_min                      ? 
_reflns.number_all                       ? 
_reflns.number_obs                       6522 
_reflns.observed_criterion               ? 
_reflns.observed_criterion_F_max         ? 
_reflns.observed_criterion_F_min         ? 
_reflns.observed_criterion_I_max         ? 
_reflns.observed_criterion_I_min         ? 
_reflns.observed_criterion_sigma_F       ? 
_reflns.observed_criterion_sigma_I       ? 
_reflns.percent_possible_obs             96.700 
_reflns.R_free_details                   ? 
_reflns.Rmerge_F_all                     ? 
_reflns.Rmerge_F_obs                     ? 
_reflns.Friedel_coverage                 ? 
_reflns.number_gt                        ? 
_reflns.threshold_expression             ? 
_reflns.pdbx_redundancy                  18.400 
_reflns.pdbx_Rmerge_I_obs                ? 
_reflns.pdbx_Rmerge_I_all                ? 
_reflns.pdbx_Rsym_value                  0.112 
_reflns.pdbx_netI_over_av_sigmaI         3.500 
_reflns.pdbx_netI_over_sigmaI            14.400 
_reflns.pdbx_res_netI_over_av_sigmaI_2   ? 
_reflns.pdbx_res_netI_over_sigmaI_2      ? 
_reflns.pdbx_chi_squared                 ? 
_reflns.pdbx_scaling_rejects             ? 
_reflns.pdbx_d_res_high_opt              ? 
_reflns.pdbx_d_res_low_opt               ? 
_reflns.pdbx_d_res_opt_method            ? 
_reflns.phase_calculation_details        ? 
_reflns.pdbx_Rrim_I_all                  0.116 
_reflns.pdbx_Rpim_I_all                  0.027 
_reflns.pdbx_d_opt                       ? 
_reflns.pdbx_number_measured_all         ? 
_reflns.pdbx_diffrn_id                   1 
_reflns.pdbx_ordinal                     1 
_reflns.pdbx_CC_half                     0.999 
_reflns.pdbx_R_split                     ? 
# 
loop_
_reflns_shell.d_res_high 
_reflns_shell.d_res_low 
_reflns_shell.meanI_over_sigI_all 
_reflns_shell.meanI_over_sigI_obs 
_reflns_shell.number_measured_all 
_reflns_shell.number_measured_obs 
_reflns_shell.number_possible 
_reflns_shell.number_unique_all 
_reflns_shell.number_unique_obs 
_reflns_shell.percent_possible_all 
_reflns_shell.percent_possible_obs 
_reflns_shell.Rmerge_F_all 
_reflns_shell.Rmerge_F_obs 
_reflns_shell.Rmerge_I_all 
_reflns_shell.Rmerge_I_obs 
_reflns_shell.meanI_over_sigI_gt 
_reflns_shell.meanI_over_uI_all 
_reflns_shell.meanI_over_uI_gt 
_reflns_shell.number_measured_gt 
_reflns_shell.number_unique_gt 
_reflns_shell.percent_possible_gt 
_reflns_shell.Rmerge_F_gt 
_reflns_shell.Rmerge_I_gt 
_reflns_shell.pdbx_redundancy 
_reflns_shell.pdbx_Rsym_value 
_reflns_shell.pdbx_chi_squared 
_reflns_shell.pdbx_netI_over_sigmaI_all 
_reflns_shell.pdbx_netI_over_sigmaI_obs 
_reflns_shell.pdbx_Rrim_I_all 
_reflns_shell.pdbx_Rpim_I_all 
_reflns_shell.pdbx_rejects 
_reflns_shell.pdbx_ordinal 
_reflns_shell.pdbx_diffrn_id 
_reflns_shell.pdbx_CC_half 
_reflns_shell.pdbx_R_split 
2.200 2.320  ? 0.700 ? ? ? ? 843 88.300  ? ? ? ? 1.055 ? ? ? ? ? ? ? ? 16.700 1.055 ? ? ? 1.086 0.253 ? 1  1 ? ? 
2.320 2.460  ? 1.100 ? ? ? ? 913 100.000 ? ? ? ? 0.683 ? ? ? ? ? ? ? ? 19.700 0.683 ? ? ? 0.701 0.157 ? 2  1 ? ? 
2.460 2.630  ? 1.600 ? ? ? ? 861 100.000 ? ? ? ? 0.460 ? ? ? ? ? ? ? ? 19.500 0.460 ? ? ? 0.472 0.106 ? 3  1 ? ? 
2.630 2.840  ? 2.400 ? ? ? ? 758 92.300  ? ? ? ? 0.268 ? ? ? ? ? ? ? ? 17.200 0.268 ? ? ? 0.276 0.064 ? 4  1 ? ? 
2.840 3.110  ? 3.100 ? ? ? ? 744 100.000 ? ? ? ? 0.192 ? ? ? ? ? ? ? ? 19.200 0.192 ? ? ? 0.198 0.045 ? 5  1 ? ? 
3.110 3.480  ? 3.900 ? ? ? ? 681 100.000 ? ? ? ? 0.141 ? ? ? ? ? ? ? ? 19.100 0.141 ? ? ? 0.145 0.033 ? 6  1 ? ? 
3.480 4.020  ? 5.100 ? ? ? ? 552 92.600  ? ? ? ? 0.113 ? ? ? ? ? ? ? ? 17.800 0.113 ? ? ? 0.116 0.027 ? 7  1 ? ? 
4.020 4.920  ? 7.000 ? ? ? ? 512 100.000 ? ? ? ? 0.084 ? ? ? ? ? ? ? ? 18.400 0.084 ? ? ? 0.086 0.020 ? 8  1 ? ? 
4.920 6.960  ? 6.700 ? ? ? ? 415 100.000 ? ? ? ? 0.088 ? ? ? ? ? ? ? ? 17.600 0.088 ? ? ? 0.091 0.021 ? 9  1 ? ? 
6.960 38.679 ? 7.100 ? ? ? ? 243 99.600  ? ? ? ? 0.067 ? ? ? ? ? ? ? ? 16.600 0.067 ? ? ? 0.069 0.017 ? 10 1 ? ? 
# 
_refine.aniso_B[1][1]                            0.7500 
_refine.aniso_B[1][2]                            0.3800 
_refine.aniso_B[1][3]                            0.0000 
_refine.aniso_B[2][2]                            0.7500 
_refine.aniso_B[2][3]                            0.0000 
_refine.aniso_B[3][3]                            -2.4500 
_refine.B_iso_max                                149.850 
_refine.B_iso_mean                               67.6340 
_refine.B_iso_min                                31.370 
_refine.correlation_coeff_Fo_to_Fc               0.9420 
_refine.correlation_coeff_Fo_to_Fc_free          0.9430 
_refine.details                                  
'HYDROGENS HAVE BEEN ADDED IN THE RIDING POSITIONS U VALUES      : REFINED INDIVIDUALLY' 
_refine.diff_density_max                         ? 
_refine.diff_density_max_esd                     ? 
_refine.diff_density_min                         ? 
_refine.diff_density_min_esd                     ? 
_refine.diff_density_rms                         ? 
_refine.diff_density_rms_esd                     ? 
_refine.entry_id                                 6H48 
_refine.pdbx_refine_id                           'X-RAY DIFFRACTION' 
_refine.ls_abs_structure_details                 ? 
_refine.ls_abs_structure_Flack                   ? 
_refine.ls_abs_structure_Flack_esd               ? 
_refine.ls_abs_structure_Rogers                  ? 
_refine.ls_abs_structure_Rogers_esd              ? 
_refine.ls_d_res_high                            2.2000 
_refine.ls_d_res_low                             66.9900 
_refine.ls_extinction_coef                       ? 
_refine.ls_extinction_coef_esd                   ? 
_refine.ls_extinction_expression                 ? 
_refine.ls_extinction_method                     ? 
_refine.ls_goodness_of_fit_all                   ? 
_refine.ls_goodness_of_fit_all_esd               ? 
_refine.ls_goodness_of_fit_obs                   ? 
_refine.ls_goodness_of_fit_obs_esd               ? 
_refine.ls_hydrogen_treatment                    ? 
_refine.ls_matrix_type                           ? 
_refine.ls_number_constraints                    ? 
_refine.ls_number_parameters                     ? 
_refine.ls_number_reflns_all                     ? 
_refine.ls_number_reflns_obs                     6227 
_refine.ls_number_reflns_R_free                  292 
_refine.ls_number_reflns_R_work                  ? 
_refine.ls_number_restraints                     ? 
_refine.ls_percent_reflns_obs                    96.6400 
_refine.ls_percent_reflns_R_free                 4.5000 
_refine.ls_R_factor_all                          ? 
_refine.ls_R_factor_obs                          0.2491 
_refine.ls_R_factor_R_free                       0.2639 
_refine.ls_R_factor_R_free_error                 ? 
_refine.ls_R_factor_R_free_error_details         ? 
_refine.ls_R_factor_R_work                       0.2484 
_refine.ls_R_Fsqd_factor_obs                     ? 
_refine.ls_R_I_factor_obs                        ? 
_refine.ls_redundancy_reflns_all                 ? 
_refine.ls_redundancy_reflns_obs                 ? 
_refine.ls_restrained_S_all                      ? 
_refine.ls_restrained_S_obs                      ? 
_refine.ls_shift_over_esd_max                    ? 
_refine.ls_shift_over_esd_mean                   ? 
_refine.ls_structure_factor_coef                 ? 
_refine.ls_weighting_details                     ? 
_refine.ls_weighting_scheme                      ? 
_refine.ls_wR_factor_all                         ? 
_refine.ls_wR_factor_obs                         ? 
_refine.ls_wR_factor_R_free                      ? 
_refine.ls_wR_factor_R_work                      ? 
_refine.occupancy_max                            ? 
_refine.occupancy_min                            ? 
_refine.solvent_model_details                    ? 
_refine.solvent_model_param_bsol                 ? 
_refine.solvent_model_param_ksol                 ? 
_refine.ls_R_factor_gt                           ? 
_refine.ls_goodness_of_fit_gt                    ? 
_refine.ls_goodness_of_fit_ref                   ? 
_refine.ls_shift_over_su_max                     ? 
_refine.ls_shift_over_su_max_lt                  ? 
_refine.ls_shift_over_su_mean                    ? 
_refine.ls_shift_over_su_mean_lt                 ? 
_refine.pdbx_ls_sigma_I                          ? 
_refine.pdbx_ls_sigma_F                          0.000 
_refine.pdbx_ls_sigma_Fsqd                       ? 
_refine.pdbx_data_cutoff_high_absF               ? 
_refine.pdbx_data_cutoff_high_rms_absF           ? 
_refine.pdbx_data_cutoff_low_absF                ? 
_refine.pdbx_isotropic_thermal_model             ? 
_refine.pdbx_ls_cross_valid_method               THROUGHOUT 
_refine.pdbx_method_to_determine_struct          SAD 
_refine.pdbx_starting_model                      ? 
_refine.pdbx_stereochemistry_target_values       ? 
_refine.pdbx_R_Free_selection_details            RANDOM 
_refine.pdbx_stereochem_target_val_spec_case     ? 
_refine.pdbx_overall_ESU_R                       0.2480 
_refine.pdbx_overall_ESU_R_Free                  0.1980 
_refine.pdbx_solvent_vdw_probe_radii             1.2000 
_refine.pdbx_solvent_ion_probe_radii             0.8000 
_refine.pdbx_solvent_shrinkage_radii             0.8000 
_refine.pdbx_real_space_R                        ? 
_refine.pdbx_density_correlation                 ? 
_refine.pdbx_pd_number_of_powder_patterns        ? 
_refine.pdbx_pd_number_of_points                 ? 
_refine.pdbx_pd_meas_number_of_points            ? 
_refine.pdbx_pd_proc_ls_prof_R_factor            ? 
_refine.pdbx_pd_proc_ls_prof_wR_factor           ? 
_refine.pdbx_pd_Marquardt_correlation_coeff      ? 
_refine.pdbx_pd_Fsqrd_R_factor                   ? 
_refine.pdbx_pd_ls_matrix_band_width             ? 
_refine.pdbx_overall_phase_error                 ? 
_refine.pdbx_overall_SU_R_free_Cruickshank_DPI   ? 
_refine.pdbx_overall_SU_R_free_Blow_DPI          ? 
_refine.pdbx_overall_SU_R_Blow_DPI               ? 
_refine.pdbx_TLS_residual_ADP_flag               ? 
_refine.pdbx_diffrn_id                           1 
_refine.overall_SU_B                             ? 
_refine.overall_SU_ML                            ? 
_refine.overall_SU_R_Cruickshank_DPI             0.2484 
_refine.overall_SU_R_free                        ? 
_refine.overall_FOM_free_R_set                   ? 
_refine.overall_FOM_work_R_set                   ? 
_refine.pdbx_average_fsc_overall                 ? 
_refine.pdbx_average_fsc_work                    ? 
_refine.pdbx_average_fsc_free                    ? 
# 
_refine_hist.cycle_id                         final 
_refine_hist.pdbx_refine_id                   'X-RAY DIFFRACTION' 
_refine_hist.d_res_high                       2.2000 
_refine_hist.d_res_low                        66.9900 
_refine_hist.pdbx_number_atoms_ligand         0 
_refine_hist.number_atoms_solvent             19 
_refine_hist.number_atoms_total               684 
_refine_hist.pdbx_number_residues_total       77 
_refine_hist.pdbx_B_iso_mean_solvent          67.90 
_refine_hist.pdbx_number_atoms_protein        665 
_refine_hist.pdbx_number_atoms_nucleic_acid   0 
# 
loop_
_refine_ls_restr.pdbx_refine_id 
_refine_ls_restr.criterion 
_refine_ls_restr.dev_ideal 
_refine_ls_restr.dev_ideal_target 
_refine_ls_restr.number 
_refine_ls_restr.rejects 
_refine_ls_restr.type 
_refine_ls_restr.weight 
_refine_ls_restr.pdbx_restraint_function 
'X-RAY DIFFRACTION' ? 0.008  0.019  676  ? r_bond_refined_d       ? ? 
'X-RAY DIFFRACTION' ? 0.000  0.020  677  ? r_bond_other_d         ? ? 
'X-RAY DIFFRACTION' ? 1.002  2.018  902  ? r_angle_refined_deg    ? ? 
'X-RAY DIFFRACTION' ? 3.215  3.000  1573 ? r_angle_other_deg      ? ? 
'X-RAY DIFFRACTION' ? 4.192  5.197  76   ? r_dihedral_angle_1_deg ? ? 
'X-RAY DIFFRACTION' ? 39.759 25.152 33   ? r_dihedral_angle_2_deg ? ? 
'X-RAY DIFFRACTION' ? 16.674 15.000 145  ? r_dihedral_angle_3_deg ? ? 
'X-RAY DIFFRACTION' ? 11.133 15.000 3    ? r_dihedral_angle_4_deg ? ? 
'X-RAY DIFFRACTION' ? 0.043  0.200  98   ? r_chiral_restr         ? ? 
'X-RAY DIFFRACTION' ? 0.004  0.020  709  ? r_gen_planes_refined   ? ? 
'X-RAY DIFFRACTION' ? 0.006  0.020  136  ? r_gen_planes_other     ? ? 
# 
_refine_ls_shell.pdbx_refine_id                   'X-RAY DIFFRACTION' 
_refine_ls_shell.d_res_high                       2.2000 
_refine_ls_shell.d_res_low                        2.2570 
_refine_ls_shell.number_reflns_all                360 
_refine_ls_shell.number_reflns_obs                ? 
_refine_ls_shell.number_reflns_R_free             22 
_refine_ls_shell.number_reflns_R_work             338 
_refine_ls_shell.percent_reflns_obs               76.2700 
_refine_ls_shell.percent_reflns_R_free            ? 
_refine_ls_shell.R_factor_all                     ? 
_refine_ls_shell.R_factor_obs                     ? 
_refine_ls_shell.R_factor_R_free                  0.3940 
_refine_ls_shell.R_factor_R_free_error            0.0000 
_refine_ls_shell.R_factor_R_work                  0.3760 
_refine_ls_shell.redundancy_reflns_all            ? 
_refine_ls_shell.redundancy_reflns_obs            ? 
_refine_ls_shell.wR_factor_all                    ? 
_refine_ls_shell.wR_factor_obs                    ? 
_refine_ls_shell.wR_factor_R_free                 ? 
_refine_ls_shell.wR_factor_R_work                 ? 
_refine_ls_shell.pdbx_total_number_of_bins_used   20 
_refine_ls_shell.pdbx_phase_error                 ? 
_refine_ls_shell.pdbx_fsc_work                    ? 
_refine_ls_shell.pdbx_fsc_free                    ? 
# 
_struct.entry_id                     6H48 
_struct.title                        
'A polyamorous repressor: deciphering the evolutionary strategy used by the phage-inducible chromosomal islands to spread in nature.' 
_struct.pdbx_model_details           ? 
_struct.pdbx_formula_weight          ? 
_struct.pdbx_formula_weight_method   ? 
_struct.pdbx_model_type_details      ? 
_struct.pdbx_CASP_flag               N 
# 
_struct_keywords.entry_id        6H48 
_struct_keywords.text            'SaPI, repressor, STRUCTURAL PROTEIN' 
_struct_keywords.pdbx_keywords   'STRUCTURAL PROTEIN' 
# 
loop_
_struct_asym.id 
_struct_asym.pdbx_blank_PDB_chainid_flag 
_struct_asym.pdbx_modified 
_struct_asym.entity_id 
_struct_asym.details 
A N N 1 ? 
B N N 2 ? 
# 
_struct_ref.id                         1 
_struct_ref.db_name                    UNP 
_struct_ref.db_code                    Q9F0J8_STAAU 
_struct_ref.pdbx_db_accession          Q9F0J8 
_struct_ref.pdbx_db_isoform            ? 
_struct_ref.entity_id                  1 
_struct_ref.pdbx_seq_one_letter_code   
;KKREVTIEEIGEFHEKYLKLLFTNLETHNDRKKALAEIEKLKEESIYLGEKLRLVPNHHYDAIKGKPMYKLYLYEYPDRL
EHQKKIILEKDTN
;
_struct_ref.pdbx_align_begin           175 
# 
_struct_ref_seq.align_id                      1 
_struct_ref_seq.ref_id                        1 
_struct_ref_seq.pdbx_PDB_id_code              6H48 
_struct_ref_seq.pdbx_strand_id                A 
_struct_ref_seq.seq_align_beg                 4 
_struct_ref_seq.pdbx_seq_align_beg_ins_code   ? 
_struct_ref_seq.seq_align_end                 96 
_struct_ref_seq.pdbx_seq_align_end_ins_code   ? 
_struct_ref_seq.pdbx_db_accession             Q9F0J8 
_struct_ref_seq.db_align_beg                  175 
_struct_ref_seq.pdbx_db_align_beg_ins_code    ? 
_struct_ref_seq.db_align_end                  267 
_struct_ref_seq.pdbx_db_align_end_ins_code    ? 
_struct_ref_seq.pdbx_auth_seq_align_beg       175 
_struct_ref_seq.pdbx_auth_seq_align_end       267 
# 
loop_
_struct_ref_seq_dif.align_id 
_struct_ref_seq_dif.pdbx_pdb_id_code 
_struct_ref_seq_dif.mon_id 
_struct_ref_seq_dif.pdbx_pdb_strand_id 
_struct_ref_seq_dif.seq_num 
_struct_ref_seq_dif.pdbx_pdb_ins_code 
_struct_ref_seq_dif.pdbx_seq_db_name 
_struct_ref_seq_dif.pdbx_seq_db_accession_code 
_struct_ref_seq_dif.db_mon_id 
_struct_ref_seq_dif.pdbx_seq_db_seq_num 
_struct_ref_seq_dif.details 
_struct_ref_seq_dif.pdbx_auth_seq_num 
_struct_ref_seq_dif.pdbx_ordinal 
1 6H48 GLY A 1 ? UNP Q9F0J8 ? ? 'expression tag' 172 1 
1 6H48 PRO A 2 ? UNP Q9F0J8 ? ? 'expression tag' 173 2 
1 6H48 GLY A 3 ? UNP Q9F0J8 ? ? 'expression tag' 174 3 
# 
_pdbx_struct_assembly.id                   1 
_pdbx_struct_assembly.details              author_and_software_defined_assembly 
_pdbx_struct_assembly.method_details       PISA 
_pdbx_struct_assembly.oligomeric_details   monomeric 
_pdbx_struct_assembly.oligomeric_count     1 
# 
loop_
_pdbx_struct_assembly_prop.biol_id 
_pdbx_struct_assembly_prop.type 
_pdbx_struct_assembly_prop.value 
_pdbx_struct_assembly_prop.details 
1 'ABSA (A^2)' 0    ? 
1 MORE         0    ? 
1 'SSA (A^2)'  5480 ? 
# 
_pdbx_struct_assembly_gen.assembly_id       1 
_pdbx_struct_assembly_gen.oper_expression   1 
_pdbx_struct_assembly_gen.asym_id_list      A,B 
# 
_pdbx_struct_assembly_auth_evidence.id                     1 
_pdbx_struct_assembly_auth_evidence.assembly_id            1 
_pdbx_struct_assembly_auth_evidence.experimental_support   'gel filtration' 
_pdbx_struct_assembly_auth_evidence.details                ? 
# 
_pdbx_struct_oper_list.id                   1 
_pdbx_struct_oper_list.type                 'identity operation' 
_pdbx_struct_oper_list.name                 1_555 
_pdbx_struct_oper_list.symmetry_operation   x,y,z 
_pdbx_struct_oper_list.matrix[1][1]         1.0000000000 
_pdbx_struct_oper_list.matrix[1][2]         0.0000000000 
_pdbx_struct_oper_list.matrix[1][3]         0.0000000000 
_pdbx_struct_oper_list.vector[1]            0.0000000000 
_pdbx_struct_oper_list.matrix[2][1]         0.0000000000 
_pdbx_struct_oper_list.matrix[2][2]         1.0000000000 
_pdbx_struct_oper_list.matrix[2][3]         0.0000000000 
_pdbx_struct_oper_list.vector[2]            0.0000000000 
_pdbx_struct_oper_list.matrix[3][1]         0.0000000000 
_pdbx_struct_oper_list.matrix[3][2]         0.0000000000 
_pdbx_struct_oper_list.matrix[3][3]         1.0000000000 
_pdbx_struct_oper_list.vector[3]            0.0000000000 
# 
loop_
_struct_conf.conf_type_id 
_struct_conf.id 
_struct_conf.pdbx_PDB_helix_id 
_struct_conf.beg_label_comp_id 
_struct_conf.beg_label_asym_id 
_struct_conf.beg_label_seq_id 
_struct_conf.pdbx_beg_PDB_ins_code 
_struct_conf.end_label_comp_id 
_struct_conf.end_label_asym_id 
_struct_conf.end_label_seq_id 
_struct_conf.pdbx_end_PDB_ins_code 
_struct_conf.beg_auth_comp_id 
_struct_conf.beg_auth_asym_id 
_struct_conf.beg_auth_seq_id 
_struct_conf.end_auth_comp_id 
_struct_conf.end_auth_asym_id 
_struct_conf.end_auth_seq_id 
_struct_conf.pdbx_PDB_helix_class 
_struct_conf.details 
_struct_conf.pdbx_PDB_helix_length 
HELX_P HELX_P1 AA1 THR A 9  ? PHE A 25 ? THR A 180 PHE A 196 1 ? 17 
HELX_P HELX_P2 AA2 THR A 30 ? LEU A 55 ? THR A 201 LEU A 226 1 ? 26 
HELX_P HELX_P3 AA3 MSE A 71 ? TYR A 77 ? MSE A 242 TYR A 248 1 ? 7  
HELX_P HELX_P4 AA4 TYR A 77 ? ASP A 94 ? TYR A 248 ASP A 265 1 ? 18 
# 
_struct_conf_type.id          HELX_P 
_struct_conf_type.criteria    ? 
_struct_conf_type.reference   ? 
# 
loop_
_struct_conn.id 
_struct_conn.conn_type_id 
_struct_conn.pdbx_leaving_atom_flag 
_struct_conn.pdbx_PDB_id 
_struct_conn.ptnr1_label_asym_id 
_struct_conn.ptnr1_label_comp_id 
_struct_conn.ptnr1_label_seq_id 
_struct_conn.ptnr1_label_atom_id 
_struct_conn.pdbx_ptnr1_label_alt_id 
_struct_conn.pdbx_ptnr1_PDB_ins_code 
_struct_conn.pdbx_ptnr1_standard_comp_id 
_struct_conn.ptnr1_symmetry 
_struct_conn.ptnr2_label_asym_id 
_struct_conn.ptnr2_label_comp_id 
_struct_conn.ptnr2_label_seq_id 
_struct_conn.ptnr2_label_atom_id 
_struct_conn.pdbx_ptnr2_label_alt_id 
_struct_conn.pdbx_ptnr2_PDB_ins_code 
_struct_conn.ptnr1_auth_asym_id 
_struct_conn.ptnr1_auth_comp_id 
_struct_conn.ptnr1_auth_seq_id 
_struct_conn.ptnr2_auth_asym_id 
_struct_conn.ptnr2_auth_comp_id 
_struct_conn.ptnr2_auth_seq_id 
_struct_conn.ptnr2_symmetry 
_struct_conn.pdbx_ptnr3_label_atom_id 
_struct_conn.pdbx_ptnr3_label_seq_id 
_struct_conn.pdbx_ptnr3_label_comp_id 
_struct_conn.pdbx_ptnr3_label_asym_id 
_struct_conn.pdbx_ptnr3_label_alt_id 
_struct_conn.pdbx_ptnr3_PDB_ins_code 
_struct_conn.details 
_struct_conn.pdbx_dist_value 
_struct_conn.pdbx_value_order 
_struct_conn.pdbx_role 
covale1 covale both ? A PRO 70 C ? ? ? 1_555 A MSE 71 N ? ? A PRO 241 A MSE 242 1_555 ? ? ? ? ? ? ? 1.326 ? ? 
covale2 covale both ? A MSE 71 C ? ? ? 1_555 A TYR 72 N ? ? A MSE 242 A TYR 243 1_555 ? ? ? ? ? ? ? 1.326 ? ? 
# 
_struct_conn_type.id          covale 
_struct_conn_type.criteria    ? 
_struct_conn_type.reference   ? 
# 
_pdbx_modification_feature.ordinal                            1 
_pdbx_modification_feature.label_comp_id                      MSE 
_pdbx_modification_feature.label_asym_id                      A 
_pdbx_modification_feature.label_seq_id                       71 
_pdbx_modification_feature.label_alt_id                       ? 
_pdbx_modification_feature.modified_residue_label_comp_id     . 
_pdbx_modification_feature.modified_residue_label_asym_id     . 
_pdbx_modification_feature.modified_residue_label_seq_id      . 
_pdbx_modification_feature.modified_residue_label_alt_id      . 
_pdbx_modification_feature.auth_comp_id                       MSE 
_pdbx_modification_feature.auth_asym_id                       A 
_pdbx_modification_feature.auth_seq_id                        242 
_pdbx_modification_feature.PDB_ins_code                       ? 
_pdbx_modification_feature.symmetry                           1_555 
_pdbx_modification_feature.modified_residue_auth_comp_id      . 
_pdbx_modification_feature.modified_residue_auth_asym_id      . 
_pdbx_modification_feature.modified_residue_auth_seq_id       . 
_pdbx_modification_feature.modified_residue_PDB_ins_code      . 
_pdbx_modification_feature.modified_residue_symmetry          . 
_pdbx_modification_feature.comp_id_linking_atom               . 
_pdbx_modification_feature.modified_residue_id_linking_atom   . 
_pdbx_modification_feature.modified_residue_id                MET 
_pdbx_modification_feature.ref_pcm_id                         1 
_pdbx_modification_feature.ref_comp_id                        MSE 
_pdbx_modification_feature.type                               Selenomethionine 
_pdbx_modification_feature.category                           'Named protein modification' 
# 
_pdbx_entry_details.entry_id                   6H48 
_pdbx_entry_details.compound_details           ? 
_pdbx_entry_details.source_details             ? 
_pdbx_entry_details.nonpolymer_details         ? 
_pdbx_entry_details.sequence_details           ? 
_pdbx_entry_details.has_ligand_of_interest     ? 
_pdbx_entry_details.has_protein_modification   Y 
# 
loop_
_pdbx_validate_torsion.id 
_pdbx_validate_torsion.PDB_model_num 
_pdbx_validate_torsion.auth_comp_id 
_pdbx_validate_torsion.auth_asym_id 
_pdbx_validate_torsion.auth_seq_id 
_pdbx_validate_torsion.PDB_ins_code 
_pdbx_validate_torsion.label_alt_id 
_pdbx_validate_torsion.phi 
_pdbx_validate_torsion.psi 
1 1 TYR A 248 ? ? -120.13 -54.07 
2 1 ASP A 265 ? ? -57.44  -1.47  
# 
_pdbx_struct_mod_residue.id               1 
_pdbx_struct_mod_residue.label_asym_id    A 
_pdbx_struct_mod_residue.label_comp_id    MSE 
_pdbx_struct_mod_residue.label_seq_id     71 
_pdbx_struct_mod_residue.auth_asym_id     A 
_pdbx_struct_mod_residue.auth_comp_id     MSE 
_pdbx_struct_mod_residue.auth_seq_id      242 
_pdbx_struct_mod_residue.PDB_ins_code     ? 
_pdbx_struct_mod_residue.parent_comp_id   MET 
_pdbx_struct_mod_residue.details          'modified residue' 
# 
_phasing.method   SAD 
# 
loop_
_pdbx_unobs_or_zero_occ_residues.id 
_pdbx_unobs_or_zero_occ_residues.PDB_model_num 
_pdbx_unobs_or_zero_occ_residues.polymer_flag 
_pdbx_unobs_or_zero_occ_residues.occupancy_flag 
_pdbx_unobs_or_zero_occ_residues.auth_asym_id 
_pdbx_unobs_or_zero_occ_residues.auth_comp_id 
_pdbx_unobs_or_zero_occ_residues.auth_seq_id 
_pdbx_unobs_or_zero_occ_residues.PDB_ins_code 
_pdbx_unobs_or_zero_occ_residues.label_asym_id 
_pdbx_unobs_or_zero_occ_residues.label_comp_id 
_pdbx_unobs_or_zero_occ_residues.label_seq_id 
1  1 Y 1 A GLY 172 ? A GLY 1  
2  1 Y 1 A PRO 173 ? A PRO 2  
3  1 Y 1 A GLY 174 ? A GLY 3  
4  1 Y 1 A LYS 175 ? A LYS 4  
5  1 Y 1 A LYS 176 ? A LYS 5  
6  1 Y 1 A ARG 177 ? A ARG 6  
7  1 Y 1 A LEU 228 ? A LEU 57 
8  1 Y 1 A VAL 229 ? A VAL 58 
9  1 Y 1 A PRO 230 ? A PRO 59 
10 1 Y 1 A ASN 231 ? A ASN 60 
11 1 Y 1 A HIS 232 ? A HIS 61 
12 1 Y 1 A HIS 233 ? A HIS 62 
13 1 Y 1 A TYR 234 ? A TYR 63 
14 1 Y 1 A ASP 235 ? A ASP 64 
15 1 Y 1 A ALA 236 ? A ALA 65 
16 1 Y 1 A ILE 237 ? A ILE 66 
17 1 Y 1 A LYS 238 ? A LYS 67 
18 1 Y 1 A GLY 239 ? A GLY 68 
19 1 Y 1 A ASN 267 ? A ASN 96 
# 
loop_
_chem_comp_atom.comp_id 
_chem_comp_atom.atom_id 
_chem_comp_atom.type_symbol 
_chem_comp_atom.pdbx_aromatic_flag 
_chem_comp_atom.pdbx_stereo_config 
_chem_comp_atom.pdbx_ordinal 
ALA N    N  N N 1   
ALA CA   C  N S 2   
ALA C    C  N N 3   
ALA O    O  N N 4   
ALA CB   C  N N 5   
ALA OXT  O  N N 6   
ALA H    H  N N 7   
ALA H2   H  N N 8   
ALA HA   H  N N 9   
ALA HB1  H  N N 10  
ALA HB2  H  N N 11  
ALA HB3  H  N N 12  
ALA HXT  H  N N 13  
ARG N    N  N N 14  
ARG CA   C  N S 15  
ARG C    C  N N 16  
ARG O    O  N N 17  
ARG CB   C  N N 18  
ARG CG   C  N N 19  
ARG CD   C  N N 20  
ARG NE   N  N N 21  
ARG CZ   C  N N 22  
ARG NH1  N  N N 23  
ARG NH2  N  N N 24  
ARG OXT  O  N N 25  
ARG H    H  N N 26  
ARG H2   H  N N 27  
ARG HA   H  N N 28  
ARG HB2  H  N N 29  
ARG HB3  H  N N 30  
ARG HG2  H  N N 31  
ARG HG3  H  N N 32  
ARG HD2  H  N N 33  
ARG HD3  H  N N 34  
ARG HE   H  N N 35  
ARG HH11 H  N N 36  
ARG HH12 H  N N 37  
ARG HH21 H  N N 38  
ARG HH22 H  N N 39  
ARG HXT  H  N N 40  
ASN N    N  N N 41  
ASN CA   C  N S 42  
ASN C    C  N N 43  
ASN O    O  N N 44  
ASN CB   C  N N 45  
ASN CG   C  N N 46  
ASN OD1  O  N N 47  
ASN ND2  N  N N 48  
ASN OXT  O  N N 49  
ASN H    H  N N 50  
ASN H2   H  N N 51  
ASN HA   H  N N 52  
ASN HB2  H  N N 53  
ASN HB3  H  N N 54  
ASN HD21 H  N N 55  
ASN HD22 H  N N 56  
ASN HXT  H  N N 57  
ASP N    N  N N 58  
ASP CA   C  N S 59  
ASP C    C  N N 60  
ASP O    O  N N 61  
ASP CB   C  N N 62  
ASP CG   C  N N 63  
ASP OD1  O  N N 64  
ASP OD2  O  N N 65  
ASP OXT  O  N N 66  
ASP H    H  N N 67  
ASP H2   H  N N 68  
ASP HA   H  N N 69  
ASP HB2  H  N N 70  
ASP HB3  H  N N 71  
ASP HD2  H  N N 72  
ASP HXT  H  N N 73  
GLN N    N  N N 74  
GLN CA   C  N S 75  
GLN C    C  N N 76  
GLN O    O  N N 77  
GLN CB   C  N N 78  
GLN CG   C  N N 79  
GLN CD   C  N N 80  
GLN OE1  O  N N 81  
GLN NE2  N  N N 82  
GLN OXT  O  N N 83  
GLN H    H  N N 84  
GLN H2   H  N N 85  
GLN HA   H  N N 86  
GLN HB2  H  N N 87  
GLN HB3  H  N N 88  
GLN HG2  H  N N 89  
GLN HG3  H  N N 90  
GLN HE21 H  N N 91  
GLN HE22 H  N N 92  
GLN HXT  H  N N 93  
GLU N    N  N N 94  
GLU CA   C  N S 95  
GLU C    C  N N 96  
GLU O    O  N N 97  
GLU CB   C  N N 98  
GLU CG   C  N N 99  
GLU CD   C  N N 100 
GLU OE1  O  N N 101 
GLU OE2  O  N N 102 
GLU OXT  O  N N 103 
GLU H    H  N N 104 
GLU H2   H  N N 105 
GLU HA   H  N N 106 
GLU HB2  H  N N 107 
GLU HB3  H  N N 108 
GLU HG2  H  N N 109 
GLU HG3  H  N N 110 
GLU HE2  H  N N 111 
GLU HXT  H  N N 112 
GLY N    N  N N 113 
GLY CA   C  N N 114 
GLY C    C  N N 115 
GLY O    O  N N 116 
GLY OXT  O  N N 117 
GLY H    H  N N 118 
GLY H2   H  N N 119 
GLY HA2  H  N N 120 
GLY HA3  H  N N 121 
GLY HXT  H  N N 122 
HIS N    N  N N 123 
HIS CA   C  N S 124 
HIS C    C  N N 125 
HIS O    O  N N 126 
HIS CB   C  N N 127 
HIS CG   C  Y N 128 
HIS ND1  N  Y N 129 
HIS CD2  C  Y N 130 
HIS CE1  C  Y N 131 
HIS NE2  N  Y N 132 
HIS OXT  O  N N 133 
HIS H    H  N N 134 
HIS H2   H  N N 135 
HIS HA   H  N N 136 
HIS HB2  H  N N 137 
HIS HB3  H  N N 138 
HIS HD1  H  N N 139 
HIS HD2  H  N N 140 
HIS HE1  H  N N 141 
HIS HE2  H  N N 142 
HIS HXT  H  N N 143 
HOH O    O  N N 144 
HOH H1   H  N N 145 
HOH H2   H  N N 146 
ILE N    N  N N 147 
ILE CA   C  N S 148 
ILE C    C  N N 149 
ILE O    O  N N 150 
ILE CB   C  N S 151 
ILE CG1  C  N N 152 
ILE CG2  C  N N 153 
ILE CD1  C  N N 154 
ILE OXT  O  N N 155 
ILE H    H  N N 156 
ILE H2   H  N N 157 
ILE HA   H  N N 158 
ILE HB   H  N N 159 
ILE HG12 H  N N 160 
ILE HG13 H  N N 161 
ILE HG21 H  N N 162 
ILE HG22 H  N N 163 
ILE HG23 H  N N 164 
ILE HD11 H  N N 165 
ILE HD12 H  N N 166 
ILE HD13 H  N N 167 
ILE HXT  H  N N 168 
LEU N    N  N N 169 
LEU CA   C  N S 170 
LEU C    C  N N 171 
LEU O    O  N N 172 
LEU CB   C  N N 173 
LEU CG   C  N N 174 
LEU CD1  C  N N 175 
LEU CD2  C  N N 176 
LEU OXT  O  N N 177 
LEU H    H  N N 178 
LEU H2   H  N N 179 
LEU HA   H  N N 180 
LEU HB2  H  N N 181 
LEU HB3  H  N N 182 
LEU HG   H  N N 183 
LEU HD11 H  N N 184 
LEU HD12 H  N N 185 
LEU HD13 H  N N 186 
LEU HD21 H  N N 187 
LEU HD22 H  N N 188 
LEU HD23 H  N N 189 
LEU HXT  H  N N 190 
LYS N    N  N N 191 
LYS CA   C  N S 192 
LYS C    C  N N 193 
LYS O    O  N N 194 
LYS CB   C  N N 195 
LYS CG   C  N N 196 
LYS CD   C  N N 197 
LYS CE   C  N N 198 
LYS NZ   N  N N 199 
LYS OXT  O  N N 200 
LYS H    H  N N 201 
LYS H2   H  N N 202 
LYS HA   H  N N 203 
LYS HB2  H  N N 204 
LYS HB3  H  N N 205 
LYS HG2  H  N N 206 
LYS HG3  H  N N 207 
LYS HD2  H  N N 208 
LYS HD3  H  N N 209 
LYS HE2  H  N N 210 
LYS HE3  H  N N 211 
LYS HZ1  H  N N 212 
LYS HZ2  H  N N 213 
LYS HZ3  H  N N 214 
LYS HXT  H  N N 215 
MSE N    N  N N 216 
MSE CA   C  N S 217 
MSE C    C  N N 218 
MSE O    O  N N 219 
MSE OXT  O  N N 220 
MSE CB   C  N N 221 
MSE CG   C  N N 222 
MSE SE   SE N N 223 
MSE CE   C  N N 224 
MSE H    H  N N 225 
MSE H2   H  N N 226 
MSE HA   H  N N 227 
MSE HXT  H  N N 228 
MSE HB2  H  N N 229 
MSE HB3  H  N N 230 
MSE HG2  H  N N 231 
MSE HG3  H  N N 232 
MSE HE1  H  N N 233 
MSE HE2  H  N N 234 
MSE HE3  H  N N 235 
PHE N    N  N N 236 
PHE CA   C  N S 237 
PHE C    C  N N 238 
PHE O    O  N N 239 
PHE CB   C  N N 240 
PHE CG   C  Y N 241 
PHE CD1  C  Y N 242 
PHE CD2  C  Y N 243 
PHE CE1  C  Y N 244 
PHE CE2  C  Y N 245 
PHE CZ   C  Y N 246 
PHE OXT  O  N N 247 
PHE H    H  N N 248 
PHE H2   H  N N 249 
PHE HA   H  N N 250 
PHE HB2  H  N N 251 
PHE HB3  H  N N 252 
PHE HD1  H  N N 253 
PHE HD2  H  N N 254 
PHE HE1  H  N N 255 
PHE HE2  H  N N 256 
PHE HZ   H  N N 257 
PHE HXT  H  N N 258 
PRO N    N  N N 259 
PRO CA   C  N S 260 
PRO C    C  N N 261 
PRO O    O  N N 262 
PRO CB   C  N N 263 
PRO CG   C  N N 264 
PRO CD   C  N N 265 
PRO OXT  O  N N 266 
PRO H    H  N N 267 
PRO HA   H  N N 268 
PRO HB2  H  N N 269 
PRO HB3  H  N N 270 
PRO HG2  H  N N 271 
PRO HG3  H  N N 272 
PRO HD2  H  N N 273 
PRO HD3  H  N N 274 
PRO HXT  H  N N 275 
SER N    N  N N 276 
SER CA   C  N S 277 
SER C    C  N N 278 
SER O    O  N N 279 
SER CB   C  N N 280 
SER OG   O  N N 281 
SER OXT  O  N N 282 
SER H    H  N N 283 
SER H2   H  N N 284 
SER HA   H  N N 285 
SER HB2  H  N N 286 
SER HB3  H  N N 287 
SER HG   H  N N 288 
SER HXT  H  N N 289 
THR N    N  N N 290 
THR CA   C  N S 291 
THR C    C  N N 292 
THR O    O  N N 293 
THR CB   C  N R 294 
THR OG1  O  N N 295 
THR CG2  C  N N 296 
THR OXT  O  N N 297 
THR H    H  N N 298 
THR H2   H  N N 299 
THR HA   H  N N 300 
THR HB   H  N N 301 
THR HG1  H  N N 302 
THR HG21 H  N N 303 
THR HG22 H  N N 304 
THR HG23 H  N N 305 
THR HXT  H  N N 306 
TYR N    N  N N 307 
TYR CA   C  N S 308 
TYR C    C  N N 309 
TYR O    O  N N 310 
TYR CB   C  N N 311 
TYR CG   C  Y N 312 
TYR CD1  C  Y N 313 
TYR CD2  C  Y N 314 
TYR CE1  C  Y N 315 
TYR CE2  C  Y N 316 
TYR CZ   C  Y N 317 
TYR OH   O  N N 318 
TYR OXT  O  N N 319 
TYR H    H  N N 320 
TYR H2   H  N N 321 
TYR HA   H  N N 322 
TYR HB2  H  N N 323 
TYR HB3  H  N N 324 
TYR HD1  H  N N 325 
TYR HD2  H  N N 326 
TYR HE1  H  N N 327 
TYR HE2  H  N N 328 
TYR HH   H  N N 329 
TYR HXT  H  N N 330 
VAL N    N  N N 331 
VAL CA   C  N S 332 
VAL C    C  N N 333 
VAL O    O  N N 334 
VAL CB   C  N N 335 
VAL CG1  C  N N 336 
VAL CG2  C  N N 337 
VAL OXT  O  N N 338 
VAL H    H  N N 339 
VAL H2   H  N N 340 
VAL HA   H  N N 341 
VAL HB   H  N N 342 
VAL HG11 H  N N 343 
VAL HG12 H  N N 344 
VAL HG13 H  N N 345 
VAL HG21 H  N N 346 
VAL HG22 H  N N 347 
VAL HG23 H  N N 348 
VAL HXT  H  N N 349 
# 
loop_
_chem_comp_bond.comp_id 
_chem_comp_bond.atom_id_1 
_chem_comp_bond.atom_id_2 
_chem_comp_bond.value_order 
_chem_comp_bond.pdbx_aromatic_flag 
_chem_comp_bond.pdbx_stereo_config 
_chem_comp_bond.pdbx_ordinal 
ALA N   CA   sing N N 1   
ALA N   H    sing N N 2   
ALA N   H2   sing N N 3   
ALA CA  C    sing N N 4   
ALA CA  CB   sing N N 5   
ALA CA  HA   sing N N 6   
ALA C   O    doub N N 7   
ALA C   OXT  sing N N 8   
ALA CB  HB1  sing N N 9   
ALA CB  HB2  sing N N 10  
ALA CB  HB3  sing N N 11  
ALA OXT HXT  sing N N 12  
ARG N   CA   sing N N 13  
ARG N   H    sing N N 14  
ARG N   H2   sing N N 15  
ARG CA  C    sing N N 16  
ARG CA  CB   sing N N 17  
ARG CA  HA   sing N N 18  
ARG C   O    doub N N 19  
ARG C   OXT  sing N N 20  
ARG CB  CG   sing N N 21  
ARG CB  HB2  sing N N 22  
ARG CB  HB3  sing N N 23  
ARG CG  CD   sing N N 24  
ARG CG  HG2  sing N N 25  
ARG CG  HG3  sing N N 26  
ARG CD  NE   sing N N 27  
ARG CD  HD2  sing N N 28  
ARG CD  HD3  sing N N 29  
ARG NE  CZ   sing N N 30  
ARG NE  HE   sing N N 31  
ARG CZ  NH1  sing N N 32  
ARG CZ  NH2  doub N N 33  
ARG NH1 HH11 sing N N 34  
ARG NH1 HH12 sing N N 35  
ARG NH2 HH21 sing N N 36  
ARG NH2 HH22 sing N N 37  
ARG OXT HXT  sing N N 38  
ASN N   CA   sing N N 39  
ASN N   H    sing N N 40  
ASN N   H2   sing N N 41  
ASN CA  C    sing N N 42  
ASN CA  CB   sing N N 43  
ASN CA  HA   sing N N 44  
ASN C   O    doub N N 45  
ASN C   OXT  sing N N 46  
ASN CB  CG   sing N N 47  
ASN CB  HB2  sing N N 48  
ASN CB  HB3  sing N N 49  
ASN CG  OD1  doub N N 50  
ASN CG  ND2  sing N N 51  
ASN ND2 HD21 sing N N 52  
ASN ND2 HD22 sing N N 53  
ASN OXT HXT  sing N N 54  
ASP N   CA   sing N N 55  
ASP N   H    sing N N 56  
ASP N   H2   sing N N 57  
ASP CA  C    sing N N 58  
ASP CA  CB   sing N N 59  
ASP CA  HA   sing N N 60  
ASP C   O    doub N N 61  
ASP C   OXT  sing N N 62  
ASP CB  CG   sing N N 63  
ASP CB  HB2  sing N N 64  
ASP CB  HB3  sing N N 65  
ASP CG  OD1  doub N N 66  
ASP CG  OD2  sing N N 67  
ASP OD2 HD2  sing N N 68  
ASP OXT HXT  sing N N 69  
GLN N   CA   sing N N 70  
GLN N   H    sing N N 71  
GLN N   H2   sing N N 72  
GLN CA  C    sing N N 73  
GLN CA  CB   sing N N 74  
GLN CA  HA   sing N N 75  
GLN C   O    doub N N 76  
GLN C   OXT  sing N N 77  
GLN CB  CG   sing N N 78  
GLN CB  HB2  sing N N 79  
GLN CB  HB3  sing N N 80  
GLN CG  CD   sing N N 81  
GLN CG  HG2  sing N N 82  
GLN CG  HG3  sing N N 83  
GLN CD  OE1  doub N N 84  
GLN CD  NE2  sing N N 85  
GLN NE2 HE21 sing N N 86  
GLN NE2 HE22 sing N N 87  
GLN OXT HXT  sing N N 88  
GLU N   CA   sing N N 89  
GLU N   H    sing N N 90  
GLU N   H2   sing N N 91  
GLU CA  C    sing N N 92  
GLU CA  CB   sing N N 93  
GLU CA  HA   sing N N 94  
GLU C   O    doub N N 95  
GLU C   OXT  sing N N 96  
GLU CB  CG   sing N N 97  
GLU CB  HB2  sing N N 98  
GLU CB  HB3  sing N N 99  
GLU CG  CD   sing N N 100 
GLU CG  HG2  sing N N 101 
GLU CG  HG3  sing N N 102 
GLU CD  OE1  doub N N 103 
GLU CD  OE2  sing N N 104 
GLU OE2 HE2  sing N N 105 
GLU OXT HXT  sing N N 106 
GLY N   CA   sing N N 107 
GLY N   H    sing N N 108 
GLY N   H2   sing N N 109 
GLY CA  C    sing N N 110 
GLY CA  HA2  sing N N 111 
GLY CA  HA3  sing N N 112 
GLY C   O    doub N N 113 
GLY C   OXT  sing N N 114 
GLY OXT HXT  sing N N 115 
HIS N   CA   sing N N 116 
HIS N   H    sing N N 117 
HIS N   H2   sing N N 118 
HIS CA  C    sing N N 119 
HIS CA  CB   sing N N 120 
HIS CA  HA   sing N N 121 
HIS C   O    doub N N 122 
HIS C   OXT  sing N N 123 
HIS CB  CG   sing N N 124 
HIS CB  HB2  sing N N 125 
HIS CB  HB3  sing N N 126 
HIS CG  ND1  sing Y N 127 
HIS CG  CD2  doub Y N 128 
HIS ND1 CE1  doub Y N 129 
HIS ND1 HD1  sing N N 130 
HIS CD2 NE2  sing Y N 131 
HIS CD2 HD2  sing N N 132 
HIS CE1 NE2  sing Y N 133 
HIS CE1 HE1  sing N N 134 
HIS NE2 HE2  sing N N 135 
HIS OXT HXT  sing N N 136 
HOH O   H1   sing N N 137 
HOH O   H2   sing N N 138 
ILE N   CA   sing N N 139 
ILE N   H    sing N N 140 
ILE N   H2   sing N N 141 
ILE CA  C    sing N N 142 
ILE CA  CB   sing N N 143 
ILE CA  HA   sing N N 144 
ILE C   O    doub N N 145 
ILE C   OXT  sing N N 146 
ILE CB  CG1  sing N N 147 
ILE CB  CG2  sing N N 148 
ILE CB  HB   sing N N 149 
ILE CG1 CD1  sing N N 150 
ILE CG1 HG12 sing N N 151 
ILE CG1 HG13 sing N N 152 
ILE CG2 HG21 sing N N 153 
ILE CG2 HG22 sing N N 154 
ILE CG2 HG23 sing N N 155 
ILE CD1 HD11 sing N N 156 
ILE CD1 HD12 sing N N 157 
ILE CD1 HD13 sing N N 158 
ILE OXT HXT  sing N N 159 
LEU N   CA   sing N N 160 
LEU N   H    sing N N 161 
LEU N   H2   sing N N 162 
LEU CA  C    sing N N 163 
LEU CA  CB   sing N N 164 
LEU CA  HA   sing N N 165 
LEU C   O    doub N N 166 
LEU C   OXT  sing N N 167 
LEU CB  CG   sing N N 168 
LEU CB  HB2  sing N N 169 
LEU CB  HB3  sing N N 170 
LEU CG  CD1  sing N N 171 
LEU CG  CD2  sing N N 172 
LEU CG  HG   sing N N 173 
LEU CD1 HD11 sing N N 174 
LEU CD1 HD12 sing N N 175 
LEU CD1 HD13 sing N N 176 
LEU CD2 HD21 sing N N 177 
LEU CD2 HD22 sing N N 178 
LEU CD2 HD23 sing N N 179 
LEU OXT HXT  sing N N 180 
LYS N   CA   sing N N 181 
LYS N   H    sing N N 182 
LYS N   H2   sing N N 183 
LYS CA  C    sing N N 184 
LYS CA  CB   sing N N 185 
LYS CA  HA   sing N N 186 
LYS C   O    doub N N 187 
LYS C   OXT  sing N N 188 
LYS CB  CG   sing N N 189 
LYS CB  HB2  sing N N 190 
LYS CB  HB3  sing N N 191 
LYS CG  CD   sing N N 192 
LYS CG  HG2  sing N N 193 
LYS CG  HG3  sing N N 194 
LYS CD  CE   sing N N 195 
LYS CD  HD2  sing N N 196 
LYS CD  HD3  sing N N 197 
LYS CE  NZ   sing N N 198 
LYS CE  HE2  sing N N 199 
LYS CE  HE3  sing N N 200 
LYS NZ  HZ1  sing N N 201 
LYS NZ  HZ2  sing N N 202 
LYS NZ  HZ3  sing N N 203 
LYS OXT HXT  sing N N 204 
MSE N   CA   sing N N 205 
MSE N   H    sing N N 206 
MSE N   H2   sing N N 207 
MSE CA  C    sing N N 208 
MSE CA  CB   sing N N 209 
MSE CA  HA   sing N N 210 
MSE C   O    doub N N 211 
MSE C   OXT  sing N N 212 
MSE OXT HXT  sing N N 213 
MSE CB  CG   sing N N 214 
MSE CB  HB2  sing N N 215 
MSE CB  HB3  sing N N 216 
MSE CG  SE   sing N N 217 
MSE CG  HG2  sing N N 218 
MSE CG  HG3  sing N N 219 
MSE SE  CE   sing N N 220 
MSE CE  HE1  sing N N 221 
MSE CE  HE2  sing N N 222 
MSE CE  HE3  sing N N 223 
PHE N   CA   sing N N 224 
PHE N   H    sing N N 225 
PHE N   H2   sing N N 226 
PHE CA  C    sing N N 227 
PHE CA  CB   sing N N 228 
PHE CA  HA   sing N N 229 
PHE C   O    doub N N 230 
PHE C   OXT  sing N N 231 
PHE CB  CG   sing N N 232 
PHE CB  HB2  sing N N 233 
PHE CB  HB3  sing N N 234 
PHE CG  CD1  doub Y N 235 
PHE CG  CD2  sing Y N 236 
PHE CD1 CE1  sing Y N 237 
PHE CD1 HD1  sing N N 238 
PHE CD2 CE2  doub Y N 239 
PHE CD2 HD2  sing N N 240 
PHE CE1 CZ   doub Y N 241 
PHE CE1 HE1  sing N N 242 
PHE CE2 CZ   sing Y N 243 
PHE CE2 HE2  sing N N 244 
PHE CZ  HZ   sing N N 245 
PHE OXT HXT  sing N N 246 
PRO N   CA   sing N N 247 
PRO N   CD   sing N N 248 
PRO N   H    sing N N 249 
PRO CA  C    sing N N 250 
PRO CA  CB   sing N N 251 
PRO CA  HA   sing N N 252 
PRO C   O    doub N N 253 
PRO C   OXT  sing N N 254 
PRO CB  CG   sing N N 255 
PRO CB  HB2  sing N N 256 
PRO CB  HB3  sing N N 257 
PRO CG  CD   sing N N 258 
PRO CG  HG2  sing N N 259 
PRO CG  HG3  sing N N 260 
PRO CD  HD2  sing N N 261 
PRO CD  HD3  sing N N 262 
PRO OXT HXT  sing N N 263 
SER N   CA   sing N N 264 
SER N   H    sing N N 265 
SER N   H2   sing N N 266 
SER CA  C    sing N N 267 
SER CA  CB   sing N N 268 
SER CA  HA   sing N N 269 
SER C   O    doub N N 270 
SER C   OXT  sing N N 271 
SER CB  OG   sing N N 272 
SER CB  HB2  sing N N 273 
SER CB  HB3  sing N N 274 
SER OG  HG   sing N N 275 
SER OXT HXT  sing N N 276 
THR N   CA   sing N N 277 
THR N   H    sing N N 278 
THR N   H2   sing N N 279 
THR CA  C    sing N N 280 
THR CA  CB   sing N N 281 
THR CA  HA   sing N N 282 
THR C   O    doub N N 283 
THR C   OXT  sing N N 284 
THR CB  OG1  sing N N 285 
THR CB  CG2  sing N N 286 
THR CB  HB   sing N N 287 
THR OG1 HG1  sing N N 288 
THR CG2 HG21 sing N N 289 
THR CG2 HG22 sing N N 290 
THR CG2 HG23 sing N N 291 
THR OXT HXT  sing N N 292 
TYR N   CA   sing N N 293 
TYR N   H    sing N N 294 
TYR N   H2   sing N N 295 
TYR CA  C    sing N N 296 
TYR CA  CB   sing N N 297 
TYR CA  HA   sing N N 298 
TYR C   O    doub N N 299 
TYR C   OXT  sing N N 300 
TYR CB  CG   sing N N 301 
TYR CB  HB2  sing N N 302 
TYR CB  HB3  sing N N 303 
TYR CG  CD1  doub Y N 304 
TYR CG  CD2  sing Y N 305 
TYR CD1 CE1  sing Y N 306 
TYR CD1 HD1  sing N N 307 
TYR CD2 CE2  doub Y N 308 
TYR CD2 HD2  sing N N 309 
TYR CE1 CZ   doub Y N 310 
TYR CE1 HE1  sing N N 311 
TYR CE2 CZ   sing Y N 312 
TYR CE2 HE2  sing N N 313 
TYR CZ  OH   sing N N 314 
TYR OH  HH   sing N N 315 
TYR OXT HXT  sing N N 316 
VAL N   CA   sing N N 317 
VAL N   H    sing N N 318 
VAL N   H2   sing N N 319 
VAL CA  C    sing N N 320 
VAL CA  CB   sing N N 321 
VAL CA  HA   sing N N 322 
VAL C   O    doub N N 323 
VAL C   OXT  sing N N 324 
VAL CB  CG1  sing N N 325 
VAL CB  CG2  sing N N 326 
VAL CB  HB   sing N N 327 
VAL CG1 HG11 sing N N 328 
VAL CG1 HG12 sing N N 329 
VAL CG1 HG13 sing N N 330 
VAL CG2 HG21 sing N N 331 
VAL CG2 HG22 sing N N 332 
VAL CG2 HG23 sing N N 333 
VAL OXT HXT  sing N N 334 
# 
loop_
_pdbx_audit_support.funding_organization 
_pdbx_audit_support.country 
_pdbx_audit_support.grant_number 
_pdbx_audit_support.ordinal 
'Spanish Ministry of Economy and Competitiveness'        Spain            BIO2016-78571-P       1 
'Spanish Ministry of Economy and Competitiveness'        Spain            FPU13/02880           2 
'Spanish Ministry of Economy and Competitiveness'        Spain            BES-2014-068617       3 
'Medical Research Council (United Kingdom)'              'United Kingdom' MR/M003876/1          4 
'Biotechnology and Biological Sciences Research Council' 'United Kingdom' BB/N002873/1          5 
'European Research Council'                              'United Kingdom' 'ERC-ADG-2014 670932' 6 
# 
_atom_sites.entry_id                    6H48 
_atom_sites.fract_transf_matrix[1][1]   -0.00513186 
_atom_sites.fract_transf_matrix[1][2]   -0.00956811 
_atom_sites.fract_transf_matrix[1][3]   0.01024300 
_atom_sites.fract_transf_matrix[2][1]   -0.01182663 
_atom_sites.fract_transf_matrix[2][2]   0.00363840 
_atom_sites.fract_transf_matrix[2][3]   0.00834914 
_atom_sites.fract_transf_matrix[3][1]   -0.01626941 
_atom_sites.fract_transf_matrix[3][2]   -0.01087281 
_atom_sites.fract_transf_matrix[3][3]   -0.01830759 
_atom_sites.fract_transf_vector[1]      0.544170 
_atom_sites.fract_transf_vector[2]      0.465094 
_atom_sites.fract_transf_vector[3]      0.201041 
# 
loop_
_atom_type.symbol 
C  
N  
O  
SE 
# 
loop_
_atom_site.group_PDB 
_atom_site.id 
_atom_site.type_symbol 
_atom_site.label_atom_id 
_atom_site.label_alt_id 
_atom_site.label_comp_id 
_atom_site.label_asym_id 
_atom_site.label_entity_id 
_atom_site.label_seq_id 
_atom_site.pdbx_PDB_ins_code 
_atom_site.Cartn_x 
_atom_site.Cartn_y 
_atom_site.Cartn_z 
_atom_site.occupancy 
_atom_site.B_iso_or_equiv 
_atom_site.pdbx_formal_charge 
_atom_site.auth_seq_id 
_atom_site.auth_comp_id 
_atom_site.auth_asym_id 
_atom_site.auth_atom_id 
_atom_site.pdbx_PDB_model_num 
ATOM   1   N  N   . GLU A 1 7  ? -14.844 -1.235  15.201  1.00 69.00  ? 178 GLU A N   1 
ATOM   2   C  CA  . GLU A 1 7  ? -14.136 -2.444  15.606  1.00 70.69  ? 178 GLU A CA  1 
ATOM   3   C  C   . GLU A 1 7  ? -12.718 -2.464  15.063  1.00 76.61  ? 178 GLU A C   1 
ATOM   4   O  O   . GLU A 1 7  ? -11.873 -3.223  15.544  1.00 80.50  ? 178 GLU A O   1 
ATOM   5   C  CB  . GLU A 1 7  ? -14.881 -3.699  15.154  1.00 66.99  ? 178 GLU A CB  1 
ATOM   6   C  CG  . GLU A 1 7  ? -15.410 -4.492  16.323  1.00 91.53  ? 178 GLU A CG  1 
ATOM   7   C  CD  . GLU A 1 7  ? -15.784 -5.908  15.956  1.00 107.40 ? 178 GLU A CD  1 
ATOM   8   O  OE1 . GLU A 1 7  ? -16.974 -6.151  15.641  1.00 116.29 ? 178 GLU A OE1 1 
ATOM   9   O  OE2 . GLU A 1 7  ? -14.882 -6.777  15.999  1.00 103.87 ? 178 GLU A OE2 1 
ATOM   10  N  N   . VAL A 1 8  ? -12.464 -1.642  14.049  1.00 67.77  ? 179 VAL A N   1 
ATOM   11  C  CA  . VAL A 1 8  ? -11.095 -1.356  13.641  1.00 65.40  ? 179 VAL A CA  1 
ATOM   12  C  C   . VAL A 1 8  ? -10.361 -0.609  14.742  1.00 58.22  ? 179 VAL A C   1 
ATOM   13  O  O   . VAL A 1 8  ? -10.811 0.449   15.196  1.00 63.42  ? 179 VAL A O   1 
ATOM   14  C  CB  . VAL A 1 8  ? -11.026 -0.500  12.388  1.00 61.94  ? 179 VAL A CB  1 
ATOM   15  C  CG1 . VAL A 1 8  ? -9.565  -0.229  12.044  1.00 57.87  ? 179 VAL A CG1 1 
ATOM   16  C  CG2 . VAL A 1 8  ? -11.747 -1.172  11.250  1.00 76.10  ? 179 VAL A CG2 1 
ATOM   17  N  N   . THR A 1 9  ? -9.228  -1.149  15.164  1.00 57.68  ? 180 THR A N   1 
ATOM   18  C  CA  . THR A 1 9  ? -8.447  -0.509  16.211  1.00 59.21  ? 180 THR A CA  1 
ATOM   19  C  C   . THR A 1 9  ? -7.473  0.526   15.649  1.00 61.94  ? 180 THR A C   1 
ATOM   20  O  O   . THR A 1 9  ? -7.146  0.521   14.458  1.00 55.71  ? 180 THR A O   1 
ATOM   21  C  CB  . THR A 1 9  ? -7.670  -1.542  17.006  1.00 58.50  ? 180 THR A CB  1 
ATOM   22  O  OG1 . THR A 1 9  ? -6.700  -2.143  16.140  1.00 54.56  ? 180 THR A OG1 1 
ATOM   23  C  CG2 . THR A 1 9  ? -8.631  -2.618  17.556  1.00 59.38  ? 180 THR A CG2 1 
ATOM   24  N  N   . ILE A 1 10 ? -6.995  1.413   16.512  1.00 58.33  ? 181 ILE A N   1 
ATOM   25  C  CA  . ILE A 1 10 ? -6.063  2.433   16.066  1.00 54.16  ? 181 ILE A CA  1 
ATOM   26  C  C   . ILE A 1 10 ? -4.706  1.809   15.731  1.00 56.71  ? 181 ILE A C   1 
ATOM   27  O  O   . ILE A 1 10 ? -3.936  2.336   14.920  1.00 56.21  ? 181 ILE A O   1 
ATOM   28  C  CB  . ILE A 1 10 ? -5.891  3.546   17.124  1.00 61.49  ? 181 ILE A CB  1 
ATOM   29  C  CG1 . ILE A 1 10 ? -5.423  2.977   18.462  1.00 70.02  ? 181 ILE A CG1 1 
ATOM   30  C  CG2 . ILE A 1 10 ? -7.183  4.342   17.291  1.00 49.95  ? 181 ILE A CG2 1 
ATOM   31  C  CD1 . ILE A 1 10 ? -5.234  4.044   19.519  1.00 79.76  ? 181 ILE A CD1 1 
ATOM   32  N  N   . GLU A 1 11 ? -4.416  0.674   16.346  1.00 47.46  ? 182 GLU A N   1 
ATOM   33  C  CA  . GLU A 1 11 ? -3.154  -0.001  16.090  1.00 50.74  ? 182 GLU A CA  1 
ATOM   34  C  C   . GLU A 1 11 ? -3.152  -0.645  14.703  1.00 52.59  ? 182 GLU A C   1 
ATOM   35  O  O   . GLU A 1 11 ? -2.101  -0.761  14.090  1.00 51.40  ? 182 GLU A O   1 
ATOM   36  C  CB  . GLU A 1 11 ? -2.896  -1.027  17.186  1.00 55.85  ? 182 GLU A CB  1 
ATOM   37  C  CG  . GLU A 1 11 ? -3.075  -0.422  18.558  1.00 90.68  ? 182 GLU A CG  1 
ATOM   38  C  CD  . GLU A 1 11 ? -3.714  -1.375  19.541  1.00 123.32 ? 182 GLU A CD  1 
ATOM   39  O  OE1 . GLU A 1 11 ? -3.113  -2.434  19.832  1.00 136.72 ? 182 GLU A OE1 1 
ATOM   40  O  OE2 . GLU A 1 11 ? -4.833  -1.065  20.007  1.00 131.40 ? 182 GLU A OE2 1 
ATOM   41  N  N   . GLU A 1 12 ? -4.324  -1.029  14.195  1.00 49.25  ? 183 GLU A N   1 
ATOM   42  C  CA  . GLU A 1 12 ? -4.406  -1.635  12.856  1.00 53.53  ? 183 GLU A CA  1 
ATOM   43  C  C   . GLU A 1 12 ? -4.250  -0.552  11.810  1.00 44.84  ? 183 GLU A C   1 
ATOM   44  O  O   . GLU A 1 12 ? -3.586  -0.732  10.796  1.00 51.96  ? 183 GLU A O   1 
ATOM   45  C  CB  . GLU A 1 12 ? -5.734  -2.377  12.659  1.00 52.28  ? 183 GLU A CB  1 
ATOM   46  C  CG  . GLU A 1 12 ? -5.786  -3.729  13.344  1.00 67.23  ? 183 GLU A CG  1 
ATOM   47  C  CD  . GLU A 1 12 ? -7.175  -4.344  13.346  1.00 68.70  ? 183 GLU A CD  1 
ATOM   48  O  OE1 . GLU A 1 12 ? -8.171  -3.590  13.289  1.00 65.25  ? 183 GLU A OE1 1 
ATOM   49  O  OE2 . GLU A 1 12 ? -7.259  -5.587  13.405  1.00 77.74  ? 183 GLU A OE2 1 
ATOM   50  N  N   . ILE A 1 13 ? -4.857  0.593   12.074  1.00 46.12  ? 184 ILE A N   1 
ATOM   51  C  CA  . ILE A 1 13 ? -4.716  1.731   11.184  1.00 42.72  ? 184 ILE A CA  1 
ATOM   52  C  C   . ILE A 1 13 ? -3.273  2.254   11.231  1.00 44.72  ? 184 ILE A C   1 
ATOM   53  O  O   . ILE A 1 13 ? -2.672  2.548   10.202  1.00 43.41  ? 184 ILE A O   1 
ATOM   54  C  CB  . ILE A 1 13 ? -5.712  2.837   11.562  1.00 45.11  ? 184 ILE A CB  1 
ATOM   55  C  CG1 . ILE A 1 13 ? -7.114  2.414   11.153  1.00 63.82  ? 184 ILE A CG1 1 
ATOM   56  C  CG2 . ILE A 1 13 ? -5.375  4.133   10.867  1.00 60.22  ? 184 ILE A CG2 1 
ATOM   57  C  CD1 . ILE A 1 13 ? -8.117  3.497   11.281  1.00 70.16  ? 184 ILE A CD1 1 
ATOM   58  N  N   . GLY A 1 14 ? -2.714  2.332   12.435  1.00 44.76  ? 185 GLY A N   1 
ATOM   59  C  CA  . GLY A 1 14 ? -1.378  2.860   12.606  1.00 40.35  ? 185 GLY A CA  1 
ATOM   60  C  C   . GLY A 1 14 ? -0.381  1.969   11.914  1.00 41.60  ? 185 GLY A C   1 
ATOM   61  O  O   . GLY A 1 14 ? 0.538   2.445   11.229  1.00 44.82  ? 185 GLY A O   1 
ATOM   62  N  N   . GLU A 1 15 ? -0.584  0.663   12.052  1.00 40.88  ? 186 GLU A N   1 
ATOM   63  C  CA  . GLU A 1 15 ? 0.368   -0.296  11.512  1.00 37.32  ? 186 GLU A CA  1 
ATOM   64  C  C   . GLU A 1 15 ? 0.333   -0.291  9.994   1.00 40.57  ? 186 GLU A C   1 
ATOM   65  O  O   . GLU A 1 15 ? 1.373   -0.386  9.342   1.00 47.37  ? 186 GLU A O   1 
ATOM   66  C  CB  . GLU A 1 15 ? 0.076   -1.689  12.052  1.00 47.77  ? 186 GLU A CB  1 
ATOM   67  C  CG  . GLU A 1 15 ? 1.143   -2.714  11.737  1.00 89.24  ? 186 GLU A CG  1 
ATOM   68  C  CD  . GLU A 1 15 ? 0.785   -4.093  12.269  1.00 113.05 ? 186 GLU A CD  1 
ATOM   69  O  OE1 . GLU A 1 15 ? -0.408  -4.312  12.580  1.00 118.32 ? 186 GLU A OE1 1 
ATOM   70  O  OE2 . GLU A 1 15 ? 1.689   -4.952  12.372  1.00 115.73 ? 186 GLU A OE2 1 
ATOM   71  N  N   . PHE A 1 16 ? -0.861  -0.174  9.429   1.00 35.12  ? 187 PHE A N   1 
ATOM   72  C  CA  . PHE A 1 16 ? -0.988  -0.107  7.978   1.00 41.72  ? 187 PHE A CA  1 
ATOM   73  C  C   . PHE A 1 16 ? -0.223  1.080   7.415   1.00 45.32  ? 187 PHE A C   1 
ATOM   74  O  O   . PHE A 1 16 ? 0.554   0.967   6.468   1.00 42.99  ? 187 PHE A O   1 
ATOM   75  C  CB  . PHE A 1 16 ? -2.446  0.011   7.572   1.00 37.75  ? 187 PHE A CB  1 
ATOM   76  C  CG  . PHE A 1 16 ? -2.638  0.465   6.149   1.00 37.78  ? 187 PHE A CG  1 
ATOM   77  C  CD1 . PHE A 1 16 ? -2.541  -0.440  5.103   1.00 35.97  ? 187 PHE A CD1 1 
ATOM   78  C  CD2 . PHE A 1 16 ? -2.927  1.787   5.858   1.00 31.68  ? 187 PHE A CD2 1 
ATOM   79  C  CE1 . PHE A 1 16 ? -2.721  -0.031  3.788   1.00 41.60  ? 187 PHE A CE1 1 
ATOM   80  C  CE2 . PHE A 1 16 ? -3.114  2.203   4.536   1.00 44.86  ? 187 PHE A CE2 1 
ATOM   81  C  CZ  . PHE A 1 16 ? -3.013  1.285   3.505   1.00 43.85  ? 187 PHE A CZ  1 
ATOM   82  N  N   . HIS A 1 17 ? -0.470  2.232   8.003   1.00 33.94  ? 188 HIS A N   1 
ATOM   83  C  CA  . HIS A 1 17 ? 0.176   3.443   7.546   1.00 41.40  ? 188 HIS A CA  1 
ATOM   84  C  C   . HIS A 1 17 ? 1.670   3.443   7.792   1.00 34.33  ? 188 HIS A C   1 
ATOM   85  O  O   . HIS A 1 17 ? 2.418   4.004   6.999   1.00 39.69  ? 188 HIS A O   1 
ATOM   86  C  CB  . HIS A 1 17 ? -0.470  4.649   8.206   1.00 39.92  ? 188 HIS A CB  1 
ATOM   87  C  CG  . HIS A 1 17 ? -1.790  4.997   7.611   1.00 41.67  ? 188 HIS A CG  1 
ATOM   88  N  ND1 . HIS A 1 17 ? -1.914  5.441   6.308   1.00 39.19  ? 188 HIS A ND1 1 
ATOM   89  C  CD2 . HIS A 1 17 ? -3.047  4.945   8.115   1.00 40.60  ? 188 HIS A CD2 1 
ATOM   90  C  CE1 . HIS A 1 17 ? -3.186  5.665   6.044   1.00 36.64  ? 188 HIS A CE1 1 
ATOM   91  N  NE2 . HIS A 1 17 ? -3.898  5.373   7.124   1.00 46.14  ? 188 HIS A NE2 1 
ATOM   92  N  N   . GLU A 1 18 ? 2.109   2.764   8.846   1.00 31.37  ? 189 GLU A N   1 
ATOM   93  C  CA  . GLU A 1 18 ? 3.532   2.656   9.137   1.00 38.25  ? 189 GLU A CA  1 
ATOM   94  C  C   . GLU A 1 18 ? 4.202   1.884   7.997   1.00 48.17  ? 189 GLU A C   1 
ATOM   95  O  O   . GLU A 1 18 ? 5.237   2.301   7.477   1.00 43.70  ? 189 GLU A O   1 
ATOM   96  C  CB  . GLU A 1 18 ? 3.760   1.940   10.469  1.00 39.84  ? 189 GLU A CB  1 
ATOM   97  C  CG  . GLU A 1 18 ? 5.220   1.640   10.770  1.00 57.65  ? 189 GLU A CG  1 
ATOM   98  C  CD  . GLU A 1 18 ? 6.118   2.843   10.557  1.00 85.97  ? 189 GLU A CD  1 
ATOM   99  O  OE1 . GLU A 1 18 ? 5.760   3.945   11.026  1.00 92.81  ? 189 GLU A OE1 1 
ATOM   100 O  OE2 . GLU A 1 18 ? 7.181   2.689   9.922   1.00 98.01  ? 189 GLU A OE2 1 
ATOM   101 N  N   . LYS A 1 19 ? 3.597   0.762   7.613   1.00 43.33  ? 190 LYS A N   1 
ATOM   102 C  CA  . LYS A 1 19 ? 4.106   -0.071  6.524   1.00 45.56  ? 190 LYS A CA  1 
ATOM   103 C  C   . LYS A 1 19 ? 4.075   0.685   5.199   1.00 39.76  ? 190 LYS A C   1 
ATOM   104 O  O   . LYS A 1 19 ? 4.976   0.566   4.367   1.00 51.08  ? 190 LYS A O   1 
ATOM   105 C  CB  . LYS A 1 19 ? 3.274   -1.353  6.389   1.00 56.44  ? 190 LYS A CB  1 
ATOM   106 C  CG  . LYS A 1 19 ? 3.789   -2.544  7.156   1.00 70.84  ? 190 LYS A CG  1 
ATOM   107 C  CD  . LYS A 1 19 ? 2.821   -3.719  7.045   1.00 73.36  ? 190 LYS A CD  1 
ATOM   108 C  CE  . LYS A 1 19 ? 2.808   -4.298  5.636   1.00 65.59  ? 190 LYS A CE  1 
ATOM   109 N  NZ  . LYS A 1 19 ? 2.210   -5.666  5.603   1.00 84.88  ? 190 LYS A NZ  1 
ATOM   110 N  N   . TYR A 1 20 ? 3.014   1.439   4.979   1.00 39.49  ? 191 TYR A N   1 
ATOM   111 C  CA  . TYR A 1 20 ? 2.915   2.231   3.749   1.00 39.82  ? 191 TYR A CA  1 
ATOM   112 C  C   . TYR A 1 20 ? 4.099   3.210   3.694   1.00 55.01  ? 191 TYR A C   1 
ATOM   113 O  O   . TYR A 1 20 ? 4.847   3.225   2.722   1.00 50.46  ? 191 TYR A O   1 
ATOM   114 C  CB  . TYR A 1 20 ? 1.572   2.956   3.692   1.00 35.42  ? 191 TYR A CB  1 
ATOM   115 C  CG  . TYR A 1 20 ? 1.167   3.479   2.307   1.00 44.69  ? 191 TYR A CG  1 
ATOM   116 C  CD1 . TYR A 1 20 ? 1.948   3.235   1.189   1.00 59.10  ? 191 TYR A CD1 1 
ATOM   117 C  CD2 . TYR A 1 20 ? -0.065  4.108   2.111   1.00 59.85  ? 191 TYR A CD2 1 
ATOM   118 C  CE1 . TYR A 1 20 ? 1.558   3.680   -0.071  1.00 63.89  ? 191 TYR A CE1 1 
ATOM   119 C  CE2 . TYR A 1 20 ? -0.469  4.540   0.849   1.00 72.07  ? 191 TYR A CE2 1 
ATOM   120 C  CZ  . TYR A 1 20 ? 0.340   4.326   -0.232  1.00 65.87  ? 191 TYR A CZ  1 
ATOM   121 O  OH  . TYR A 1 20 ? -0.065  4.760   -1.473  1.00 71.07  ? 191 TYR A OH  1 
ATOM   122 N  N   . LEU A 1 21 ? 4.276   3.989   4.759   1.00 47.73  ? 192 LEU A N   1 
ATOM   123 C  CA  . LEU A 1 21 ? 5.385   4.937   4.856   1.00 53.71  ? 192 LEU A CA  1 
ATOM   124 C  C   . LEU A 1 21 ? 6.752   4.295   4.558   1.00 55.33  ? 192 LEU A C   1 
ATOM   125 O  O   . LEU A 1 21 ? 7.552   4.862   3.818   1.00 47.89  ? 192 LEU A O   1 
ATOM   126 C  CB  . LEU A 1 21 ? 5.394   5.589   6.239   1.00 54.53  ? 192 LEU A CB  1 
ATOM   127 C  CG  . LEU A 1 21 ? 4.264   6.601   6.444   1.00 50.49  ? 192 LEU A CG  1 
ATOM   128 C  CD1 . LEU A 1 21 ? 4.250   7.138   7.864   1.00 61.45  ? 192 LEU A CD1 1 
ATOM   129 C  CD2 . LEU A 1 21 ? 4.404   7.747   5.466   1.00 55.87  ? 192 LEU A CD2 1 
ATOM   130 N  N   . LYS A 1 22 ? 7.007   3.112   5.109   1.00 56.61  ? 193 LYS A N   1 
ATOM   131 C  CA  . LYS A 1 22 ? 8.260   2.410   4.836   1.00 63.24  ? 193 LYS A CA  1 
ATOM   132 C  C   . LYS A 1 22 ? 8.392   2.027   3.362   1.00 66.01  ? 193 LYS A C   1 
ATOM   133 O  O   . LYS A 1 22 ? 9.484   2.074   2.791   1.00 76.75  ? 193 LYS A O   1 
ATOM   134 C  CB  . LYS A 1 22 ? 8.376   1.157   5.702   1.00 62.90  ? 193 LYS A CB  1 
ATOM   135 C  CG  . LYS A 1 22 ? 8.749   1.447   7.126   1.00 83.03  ? 193 LYS A CG  1 
ATOM   136 C  CD  . LYS A 1 22 ? 9.101   0.171   7.853   1.00 97.44  ? 193 LYS A CD  1 
ATOM   137 C  CE  . LYS A 1 22 ? 8.744   0.280   9.327   1.00 106.59 ? 193 LYS A CE  1 
ATOM   138 N  NZ  . LYS A 1 22 ? 9.281   1.522   9.963   1.00 106.02 ? 193 LYS A NZ  1 
ATOM   139 N  N   . LEU A 1 23 ? 7.285   1.644   2.742   1.00 54.07  ? 194 LEU A N   1 
ATOM   140 C  CA  . LEU A 1 23 ? 7.327   1.300   1.330   1.00 57.21  ? 194 LEU A CA  1 
ATOM   141 C  C   . LEU A 1 23 ? 7.699   2.519   0.492   1.00 66.91  ? 194 LEU A C   1 
ATOM   142 O  O   . LEU A 1 23 ? 8.404   2.410   -0.509  1.00 79.19  ? 194 LEU A O   1 
ATOM   143 C  CB  . LEU A 1 23 ? 5.990   0.742   0.858   1.00 49.22  ? 194 LEU A CB  1 
ATOM   144 C  CG  . LEU A 1 23 ? 5.998   0.594   -0.666  1.00 52.13  ? 194 LEU A CG  1 
ATOM   145 C  CD1 . LEU A 1 23 ? 6.789   -0.622  -1.056  1.00 60.16  ? 194 LEU A CD1 1 
ATOM   146 C  CD2 . LEU A 1 23 ? 4.618   0.529   -1.241  1.00 49.71  ? 194 LEU A CD2 1 
ATOM   147 N  N   . LEU A 1 24 ? 7.228   3.684   0.911   1.00 60.00  ? 195 LEU A N   1 
ATOM   148 C  CA  . LEU A 1 24 ? 7.406   4.894   0.121   1.00 60.13  ? 195 LEU A CA  1 
ATOM   149 C  C   . LEU A 1 24 ? 8.813   5.437   0.251   1.00 68.56  ? 195 LEU A C   1 
ATOM   150 O  O   . LEU A 1 24 ? 9.391   5.918   -0.717  1.00 75.63  ? 195 LEU A O   1 
ATOM   151 C  CB  . LEU A 1 24 ? 6.395   5.952   0.544   1.00 53.29  ? 195 LEU A CB  1 
ATOM   152 C  CG  . LEU A 1 24 ? 4.921   5.681   0.229   1.00 55.70  ? 195 LEU A CG  1 
ATOM   153 C  CD1 . LEU A 1 24 ? 4.035   6.763   0.837   1.00 47.58  ? 195 LEU A CD1 1 
ATOM   154 C  CD2 . LEU A 1 24 ? 4.697   5.607   -1.283  1.00 58.62  ? 195 LEU A CD2 1 
ATOM   155 N  N   . PHE A 1 25 ? 9.354   5.360   1.460   1.00 69.72  ? 196 PHE A N   1 
ATOM   156 C  CA  . PHE A 1 25 ? 10.711  5.796   1.750   1.00 68.99  ? 196 PHE A CA  1 
ATOM   157 C  C   . PHE A 1 25 ? 11.778  4.827   1.227   1.00 81.80  ? 196 PHE A C   1 
ATOM   158 O  O   . PHE A 1 25 ? 12.974  5.098   1.346   1.00 90.58  ? 196 PHE A O   1 
ATOM   159 C  CB  . PHE A 1 25 ? 10.896  5.946   3.256   1.00 76.96  ? 196 PHE A CB  1 
ATOM   160 C  CG  . PHE A 1 25 ? 10.077  7.041   3.874   1.00 94.45  ? 196 PHE A CG  1 
ATOM   161 C  CD1 . PHE A 1 25 ? 9.769   8.185   3.162   1.00 99.49  ? 196 PHE A CD1 1 
ATOM   162 C  CD2 . PHE A 1 25 ? 9.620   6.925   5.188   1.00 97.53  ? 196 PHE A CD2 1 
ATOM   163 C  CE1 . PHE A 1 25 ? 9.021   9.205   3.748   1.00 99.75  ? 196 PHE A CE1 1 
ATOM   164 C  CE2 . PHE A 1 25 ? 8.866   7.937   5.778   1.00 90.97  ? 196 PHE A CE2 1 
ATOM   165 C  CZ  . PHE A 1 25 ? 8.570   9.080   5.061   1.00 93.79  ? 196 PHE A CZ  1 
ATOM   166 N  N   . THR A 1 26 ? 11.354  3.683   0.690   1.00 83.82  ? 197 THR A N   1 
ATOM   167 C  CA  . THR A 1 26 ? 12.304  2.674   0.223   1.00 88.58  ? 197 THR A CA  1 
ATOM   168 C  C   . THR A 1 26 ? 13.032  3.207   -1.028  1.00 96.44  ? 197 THR A C   1 
ATOM   169 O  O   . THR A 1 26 ? 12.575  4.162   -1.663  1.00 97.19  ? 197 THR A O   1 
ATOM   170 C  CB  . THR A 1 26 ? 11.603  1.314   -0.065  1.00 86.08  ? 197 THR A CB  1 
ATOM   171 O  OG1 . THR A 1 26 ? 12.506  0.235   0.201   1.00 89.39  ? 197 THR A OG1 1 
ATOM   172 C  CG2 . THR A 1 26 ? 11.134  1.223   -1.513  1.00 89.92  ? 197 THR A CG2 1 
ATOM   173 N  N   . ASN A 1 27 ? 14.164  2.595   -1.370  1.00 106.98 ? 198 ASN A N   1 
ATOM   174 C  CA  . ASN A 1 27 ? 15.110  3.160   -2.343  1.00 117.62 ? 198 ASN A CA  1 
ATOM   175 C  C   . ASN A 1 27 ? 14.845  2.866   -3.828  1.00 112.31 ? 198 ASN A C   1 
ATOM   176 O  O   . ASN A 1 27 ? 14.911  3.775   -4.663  1.00 119.25 ? 198 ASN A O   1 
ATOM   177 C  CB  . ASN A 1 27 ? 16.509  2.671   -1.988  1.00 130.20 ? 198 ASN A CB  1 
ATOM   178 C  CG  . ASN A 1 27 ? 16.571  1.163   -1.874  1.00 126.93 ? 198 ASN A CG  1 
ATOM   179 O  OD1 . ASN A 1 27 ? 15.531  0.496   -1.824  1.00 116.20 ? 198 ASN A OD1 1 
ATOM   180 N  ND2 . ASN A 1 27 ? 17.782  0.616   -1.829  1.00 133.77 ? 198 ASN A ND2 1 
ATOM   181 N  N   . LEU A 1 28 ? 14.598  1.592   -4.137  1.00 98.57  ? 199 LEU A N   1 
ATOM   182 C  CA  . LEU A 1 28 ? 14.265  1.123   -5.484  1.00 89.89  ? 199 LEU A CA  1 
ATOM   183 C  C   . LEU A 1 28 ? 15.429  1.239   -6.487  1.00 96.02  ? 199 LEU A C   1 
ATOM   184 O  O   . LEU A 1 28 ? 15.215  1.306   -7.703  1.00 100.08 ? 199 LEU A O   1 
ATOM   185 C  CB  . LEU A 1 28 ? 13.053  1.886   -6.024  1.00 79.85  ? 199 LEU A CB  1 
ATOM   186 C  CG  . LEU A 1 28 ? 11.724  1.777   -5.276  1.00 70.37  ? 199 LEU A CG  1 
ATOM   187 C  CD1 . LEU A 1 28 ? 10.635  2.534   -6.022  1.00 70.23  ? 199 LEU A CD1 1 
ATOM   188 C  CD2 . LEU A 1 28 ? 11.334  0.337   -5.102  1.00 59.52  ? 199 LEU A CD2 1 
ATOM   189 N  N   . GLU A 1 29 ? 16.654  1.238   -5.983  1.00 91.35  ? 200 GLU A N   1 
ATOM   190 C  CA  . GLU A 1 29 ? 17.816  1.400   -6.836  1.00 96.74  ? 200 GLU A CA  1 
ATOM   191 C  C   . GLU A 1 29 ? 18.177  0.129   -7.603  1.00 89.37  ? 200 GLU A C   1 
ATOM   192 O  O   . GLU A 1 29 ? 18.504  0.178   -8.793  1.00 92.67  ? 200 GLU A O   1 
ATOM   193 C  CB  . GLU A 1 29 ? 19.009  1.864   -5.999  1.00 114.22 ? 200 GLU A CB  1 
ATOM   194 C  CG  . GLU A 1 29 ? 19.059  3.361   -5.767  1.00 129.83 ? 200 GLU A CG  1 
ATOM   195 C  CD  . GLU A 1 29 ? 20.305  3.788   -5.012  1.00 143.85 ? 200 GLU A CD  1 
ATOM   196 O  OE1 . GLU A 1 29 ? 21.123  2.908   -4.650  1.00 149.85 ? 200 GLU A OE1 1 
ATOM   197 O  OE2 . GLU A 1 29 ? 20.471  5.006   -4.794  1.00 147.32 ? 200 GLU A OE2 1 
ATOM   198 N  N   . THR A 1 30 ? 18.127  -1.010  -6.926  1.00 78.79  ? 201 THR A N   1 
ATOM   199 C  CA  . THR A 1 30 ? 18.485  -2.266  -7.572  1.00 76.36  ? 201 THR A CA  1 
ATOM   200 C  C   . THR A 1 30 ? 17.241  -3.087  -7.870  1.00 78.01  ? 201 THR A C   1 
ATOM   201 O  O   . THR A 1 30 ? 16.167  -2.826  -7.323  1.00 71.09  ? 201 THR A O   1 
ATOM   202 C  CB  . THR A 1 30 ? 19.464  -3.109  -6.704  1.00 91.97  ? 201 THR A CB  1 
ATOM   203 O  OG1 . THR A 1 30 ? 19.628  -4.419  -7.265  1.00 108.99 ? 201 THR A OG1 1 
ATOM   204 C  CG2 . THR A 1 30 ? 18.933  -3.260  -5.315  1.00 72.36  ? 201 THR A CG2 1 
ATOM   205 N  N   . HIS A 1 31 ? 17.399  -4.067  -8.756  1.00 80.92  ? 202 HIS A N   1 
ATOM   206 C  CA  . HIS A 1 31 ? 16.326  -4.993  -9.114  1.00 79.30  ? 202 HIS A CA  1 
ATOM   207 C  C   . HIS A 1 31 ? 15.785  -5.748  -7.904  1.00 69.68  ? 202 HIS A C   1 
ATOM   208 O  O   . HIS A 1 31 ? 14.587  -6.008  -7.817  1.00 74.15  ? 202 HIS A O   1 
ATOM   209 C  CB  . HIS A 1 31 ? 16.819  -5.985  -10.174 1.00 88.31  ? 202 HIS A CB  1 
ATOM   210 C  CG  . HIS A 1 31 ? 15.900  -7.150  -10.405 1.00 83.72  ? 202 HIS A CG  1 
ATOM   211 N  ND1 . HIS A 1 31 ? 14.670  -7.018  -11.012 1.00 72.13  ? 202 HIS A ND1 1 
ATOM   212 C  CD2 . HIS A 1 31 ? 16.055  -8.470  -10.154 1.00 81.40  ? 202 HIS A CD2 1 
ATOM   213 C  CE1 . HIS A 1 31 ? 14.096  -8.203  -11.105 1.00 65.17  ? 202 HIS A CE1 1 
ATOM   214 N  NE2 . HIS A 1 31 ? 14.917  -9.105  -10.590 1.00 66.10  ? 202 HIS A NE2 1 
ATOM   215 N  N   . ASN A 1 32 ? 16.659  -6.102  -6.970  1.00 69.56  ? 203 ASN A N   1 
ATOM   216 C  CA  . ASN A 1 32 ? 16.211  -6.813  -5.775  1.00 69.79  ? 203 ASN A CA  1 
ATOM   217 C  C   . ASN A 1 32 ? 15.239  -5.976  -4.966  1.00 66.36  ? 203 ASN A C   1 
ATOM   218 O  O   . ASN A 1 32 ? 14.187  -6.460  -4.542  1.00 65.98  ? 203 ASN A O   1 
ATOM   219 C  CB  . ASN A 1 32 ? 17.405  -7.215  -4.920  1.00 87.81  ? 203 ASN A CB  1 
ATOM   220 C  CG  . ASN A 1 32 ? 18.085  -8.447  -5.450  1.00 103.35 ? 203 ASN A CG  1 
ATOM   221 O  OD1 . ASN A 1 32 ? 17.680  -8.976  -6.485  1.00 106.42 ? 203 ASN A OD1 1 
ATOM   222 N  ND2 . ASN A 1 32 ? 19.114  -8.922  -4.750  1.00 106.52 ? 203 ASN A ND2 1 
ATOM   223 N  N   . ASP A 1 33 ? 15.591  -4.710  -4.778  1.00 67.68  ? 204 ASP A N   1 
ATOM   224 C  CA  . ASP A 1 33 ? 14.772  -3.792  -4.010  1.00 64.78  ? 204 ASP A CA  1 
ATOM   225 C  C   . ASP A 1 33 ? 13.415  -3.640  -4.652  1.00 63.02  ? 204 ASP A C   1 
ATOM   226 O  O   . ASP A 1 33 ? 12.401  -3.600  -3.966  1.00 66.23  ? 204 ASP A O   1 
ATOM   227 C  CB  . ASP A 1 33 ? 15.454  -2.432  -3.901  1.00 87.57  ? 204 ASP A CB  1 
ATOM   228 C  CG  . ASP A 1 33 ? 16.777  -2.504  -3.176  1.00 100.27 ? 204 ASP A CG  1 
ATOM   229 O  OD1 . ASP A 1 33 ? 17.046  -3.532  -2.517  1.00 109.07 ? 204 ASP A OD1 1 
ATOM   230 O  OD2 . ASP A 1 33 ? 17.564  -1.540  -3.297  1.00 98.36  ? 204 ASP A OD2 1 
ATOM   231 N  N   . ARG A 1 34 ? 13.402  -3.567  -5.979  1.00 68.63  ? 205 ARG A N   1 
ATOM   232 C  CA  . ARG A 1 34 ? 12.161  -3.359  -6.706  1.00 60.71  ? 205 ARG A CA  1 
ATOM   233 C  C   . ARG A 1 34 ? 11.265  -4.597  -6.590  1.00 57.69  ? 205 ARG A C   1 
ATOM   234 O  O   . ARG A 1 34 ? 10.070  -4.460  -6.328  1.00 65.02  ? 205 ARG A O   1 
ATOM   235 C  CB  . ARG A 1 34 ? 12.453  -2.975  -8.166  1.00 60.06  ? 205 ARG A CB  1 
ATOM   236 C  CG  . ARG A 1 34 ? 13.281  -1.680  -8.267  1.00 69.28  ? 205 ARG A CG  1 
ATOM   237 C  CD  . ARG A 1 34 ? 13.444  -1.123  -9.673  1.00 72.54  ? 205 ARG A CD  1 
ATOM   238 N  NE  . ARG A 1 34 ? 14.266  -1.972  -10.529 1.00 71.01  ? 205 ARG A NE  1 
ATOM   239 C  CZ  . ARG A 1 34 ? 15.561  -1.777  -10.760 1.00 81.52  ? 205 ARG A CZ  1 
ATOM   240 N  NH1 . ARG A 1 34 ? 16.203  -0.764  -10.186 1.00 89.76  ? 205 ARG A NH1 1 
ATOM   241 N  NH2 . ARG A 1 34 ? 16.220  -2.604  -11.561 1.00 88.21  ? 205 ARG A NH2 1 
ATOM   242 N  N   . LYS A 1 35 ? 11.844  -5.793  -6.720  1.00 56.80  ? 206 LYS A N   1 
ATOM   243 C  CA  . LYS A 1 35 ? 11.107  -7.047  -6.508  1.00 65.93  ? 206 LYS A CA  1 
ATOM   244 C  C   . LYS A 1 35 ? 10.445  -7.059  -5.117  1.00 70.62  ? 206 LYS A C   1 
ATOM   245 O  O   . LYS A 1 35 ? 9.285   -7.438  -4.973  1.00 71.92  ? 206 LYS A O   1 
ATOM   246 C  CB  . LYS A 1 35 ? 12.035  -8.267  -6.661  1.00 57.89  ? 206 LYS A CB  1 
ATOM   247 C  CG  . LYS A 1 35 ? 11.901  -9.032  -7.978  1.00 71.59  ? 206 LYS A CG  1 
ATOM   248 C  CD  . LYS A 1 35 ? 12.015  -10.563 -7.791  1.00 82.44  ? 206 LYS A CD  1 
ATOM   249 C  CE  . LYS A 1 35 ? 13.319  -10.980 -7.105  1.00 94.23  ? 206 LYS A CE  1 
ATOM   250 N  NZ  . LYS A 1 35 ? 13.592  -12.457 -7.181  1.00 100.56 ? 206 LYS A NZ  1 
ATOM   251 N  N   . LYS A 1 36 ? 11.185  -6.629  -4.100  1.00 67.69  ? 207 LYS A N   1 
ATOM   252 C  CA  . LYS A 1 36 ? 10.672  -6.599  -2.737  1.00 72.06  ? 207 LYS A CA  1 
ATOM   253 C  C   . LYS A 1 36 ? 9.550   -5.568  -2.582  1.00 61.67  ? 207 LYS A C   1 
ATOM   254 O  O   . LYS A 1 36 ? 8.512   -5.841  -1.983  1.00 53.73  ? 207 LYS A O   1 
ATOM   255 C  CB  . LYS A 1 36 ? 11.813  -6.310  -1.744  1.00 73.99  ? 207 LYS A CB  1 
ATOM   256 C  CG  . LYS A 1 36 ? 12.463  -7.568  -1.165  1.00 76.40  ? 207 LYS A CG  1 
ATOM   257 C  CD  . LYS A 1 36 ? 13.715  -7.273  -0.333  1.00 85.55  ? 207 LYS A CD  1 
ATOM   258 C  CE  . LYS A 1 36 ? 14.897  -6.889  -1.221  1.00 95.57  ? 207 LYS A CE  1 
ATOM   259 N  NZ  . LYS A 1 36 ? 16.196  -6.841  -0.486  1.00 100.23 ? 207 LYS A NZ  1 
ATOM   260 N  N   . ALA A 1 37 ? 9.761   -4.382  -3.135  1.00 56.90  ? 208 ALA A N   1 
ATOM   261 C  CA  . ALA A 1 37 ? 8.773   -3.330  -3.033  1.00 50.62  ? 208 ALA A CA  1 
ATOM   262 C  C   . ALA A 1 37 ? 7.457   -3.747  -3.678  1.00 47.95  ? 208 ALA A C   1 
ATOM   263 O  O   . ALA A 1 37 ? 6.384   -3.425  -3.164  1.00 49.80  ? 208 ALA A O   1 
ATOM   264 C  CB  . ALA A 1 37 ? 9.290   -2.067  -3.668  1.00 49.43  ? 208 ALA A CB  1 
ATOM   265 N  N   . LEU A 1 38 ? 7.535   -4.471  -4.793  1.00 52.67  ? 209 LEU A N   1 
ATOM   266 C  CA  . LEU A 1 38 ? 6.329   -4.883  -5.515  1.00 56.37  ? 209 LEU A CA  1 
ATOM   267 C  C   . LEU A 1 38 ? 5.543   -5.890  -4.700  1.00 51.27  ? 209 LEU A C   1 
ATOM   268 O  O   . LEU A 1 38 ? 4.320   -5.796  -4.614  1.00 59.19  ? 209 LEU A O   1 
ATOM   269 C  CB  . LEU A 1 38 ? 6.679   -5.468  -6.887  1.00 61.09  ? 209 LEU A CB  1 
ATOM   270 C  CG  . LEU A 1 38 ? 7.063   -4.486  -8.000  1.00 57.69  ? 209 LEU A CG  1 
ATOM   271 C  CD1 . LEU A 1 38 ? 7.708   -5.216  -9.158  1.00 65.46  ? 209 LEU A CD1 1 
ATOM   272 C  CD2 . LEU A 1 38 ? 5.847   -3.726  -8.504  1.00 48.25  ? 209 LEU A CD2 1 
ATOM   273 N  N   . ALA A 1 39 ? 6.249   -6.854  -4.110  1.00 55.23  ? 210 ALA A N   1 
ATOM   274 C  CA  . ALA A 1 39 ? 5.634   -7.818  -3.198  1.00 64.29  ? 210 ALA A CA  1 
ATOM   275 C  C   . ALA A 1 39 ? 4.941   -7.111  -2.032  1.00 62.88  ? 210 ALA A C   1 
ATOM   276 O  O   . ALA A 1 39 ? 3.848   -7.486  -1.604  1.00 62.35  ? 210 ALA A O   1 
ATOM   277 C  CB  . ALA A 1 39 ? 6.685   -8.783  -2.677  1.00 64.56  ? 210 ALA A CB  1 
ATOM   278 N  N   . GLU A 1 40 ? 5.601   -6.081  -1.522  1.00 55.72  ? 211 GLU A N   1 
ATOM   279 C  CA  . GLU A 1 40 ? 5.080   -5.312  -0.410  1.00 49.02  ? 211 GLU A CA  1 
ATOM   280 C  C   . GLU A 1 40 ? 3.832   -4.531  -0.819  1.00 50.03  ? 211 GLU A C   1 
ATOM   281 O  O   . GLU A 1 40 ? 2.867   -4.482  -0.073  1.00 47.77  ? 211 GLU A O   1 
ATOM   282 C  CB  . GLU A 1 40 ? 6.151   -4.369  0.128   1.00 51.32  ? 211 GLU A CB  1 
ATOM   283 C  CG  . GLU A 1 40 ? 5.709   -3.579  1.341   1.00 69.78  ? 211 GLU A CG  1 
ATOM   284 C  CD  . GLU A 1 40 ? 5.704   -4.400  2.618   1.00 87.81  ? 211 GLU A CD  1 
ATOM   285 O  OE1 . GLU A 1 40 ? 5.838   -5.646  2.551   1.00 86.49  ? 211 GLU A OE1 1 
ATOM   286 O  OE2 . GLU A 1 40 ? 5.562   -3.783  3.698   1.00 101.60 ? 211 GLU A OE2 1 
ATOM   287 N  N   . ILE A 1 41 ? 3.858   -3.934  -2.011  1.00 50.06  ? 212 ILE A N   1 
ATOM   288 C  CA  . ILE A 1 41 ? 2.697   -3.268  -2.583  1.00 45.03  ? 212 ILE A CA  1 
ATOM   289 C  C   . ILE A 1 41 ? 1.473   -4.176  -2.637  1.00 53.97  ? 212 ILE A C   1 
ATOM   290 O  O   . ILE A 1 41 ? 0.357   -3.756  -2.331  1.00 51.01  ? 212 ILE A O   1 
ATOM   291 C  CB  . ILE A 1 41 ? 3.005   -2.751  -3.997  1.00 47.81  ? 212 ILE A CB  1 
ATOM   292 C  CG1 . ILE A 1 41 ? 3.716   -1.405  -3.899  1.00 51.08  ? 212 ILE A CG1 1 
ATOM   293 C  CG2 . ILE A 1 41 ? 1.722   -2.614  -4.840  1.00 42.15  ? 212 ILE A CG2 1 
ATOM   294 C  CD1 . ILE A 1 41 ? 4.300   -0.919  -5.190  1.00 57.86  ? 212 ILE A CD1 1 
ATOM   295 N  N   . GLU A 1 42 ? 1.676   -5.426  -3.017  1.00 49.42  ? 213 GLU A N   1 
ATOM   296 C  CA  . GLU A 1 42 ? 0.553   -6.338  -3.071  1.00 52.84  ? 213 GLU A CA  1 
ATOM   297 C  C   . GLU A 1 42 ? -0.038  -6.587  -1.678  1.00 58.37  ? 213 GLU A C   1 
ATOM   298 O  O   . GLU A 1 42 ? -1.259  -6.548  -1.521  1.00 52.97  ? 213 GLU A O   1 
ATOM   299 C  CB  . GLU A 1 42 ? 0.968   -7.645  -3.749  1.00 60.36  ? 213 GLU A CB  1 
ATOM   300 C  CG  . GLU A 1 42 ? 1.282   -7.446  -5.243  1.00 75.32  ? 213 GLU A CG  1 
ATOM   301 C  CD  . GLU A 1 42 ? 0.115   -6.824  -6.030  1.00 81.08  ? 213 GLU A CD  1 
ATOM   302 O  OE1 . GLU A 1 42 ? -1.044  -7.240  -5.824  1.00 86.07  ? 213 GLU A OE1 1 
ATOM   303 O  OE2 . GLU A 1 42 ? 0.349   -5.903  -6.845  1.00 74.98  ? 213 GLU A OE2 1 
ATOM   304 N  N   . LYS A 1 43 ? 0.807   -6.805  -0.665  1.00 51.50  ? 214 LYS A N   1 
ATOM   305 C  CA  . LYS A 1 43 ? 0.303   -7.008  0.701   1.00 50.64  ? 214 LYS A CA  1 
ATOM   306 C  C   . LYS A 1 43 ? -0.395  -5.761  1.266   1.00 54.94  ? 214 LYS A C   1 
ATOM   307 O  O   . LYS A 1 43 ? -1.298  -5.883  2.095   1.00 54.31  ? 214 LYS A O   1 
ATOM   308 C  CB  . LYS A 1 43 ? 1.430   -7.443  1.640   1.00 51.09  ? 214 LYS A CB  1 
ATOM   309 C  CG  . LYS A 1 43 ? 1.616   -8.952  1.684   1.00 71.96  ? 214 LYS A CG  1 
ATOM   310 C  CD  . LYS A 1 43 ? 2.611   -9.366  2.758   1.00 89.66  ? 214 LYS A CD  1 
ATOM   311 C  CE  . LYS A 1 43 ? 4.029   -8.987  2.369   1.00 92.40  ? 214 LYS A CE  1 
ATOM   312 N  NZ  . LYS A 1 43 ? 5.022   -9.454  3.379   1.00 95.40  ? 214 LYS A NZ  1 
ATOM   313 N  N   . LEU A 1 44 ? 0.023   -4.574  0.820   1.00 42.23  ? 215 LEU A N   1 
ATOM   314 C  CA  . LEU A 1 44 ? -0.563  -3.325  1.296   1.00 42.26  ? 215 LEU A CA  1 
ATOM   315 C  C   . LEU A 1 44 ? -1.942  -3.119  0.680   1.00 48.39  ? 215 LEU A C   1 
ATOM   316 O  O   . LEU A 1 44 ? -2.857  -2.666  1.362   1.00 45.89  ? 215 LEU A O   1 
ATOM   317 C  CB  . LEU A 1 44 ? 0.349   -2.133  0.978   1.00 39.86  ? 215 LEU A CB  1 
ATOM   318 C  CG  . LEU A 1 44 ? 1.522   -1.951  1.955   1.00 51.79  ? 215 LEU A CG  1 
ATOM   319 C  CD1 . LEU A 1 44 ? 2.595   -1.085  1.320   1.00 45.44  ? 215 LEU A CD1 1 
ATOM   320 C  CD2 . LEU A 1 44 ? 1.038   -1.294  3.235   1.00 37.38  ? 215 LEU A CD2 1 
ATOM   321 N  N   . LYS A 1 45 ? -2.088  -3.443  -0.604  1.00 48.79  ? 216 LYS A N   1 
ATOM   322 C  CA  . LYS A 1 45 ? -3.394  -3.358  -1.242  1.00 54.46  ? 216 LYS A CA  1 
ATOM   323 C  C   . LYS A 1 45 ? -4.374  -4.214  -0.470  1.00 46.82  ? 216 LYS A C   1 
ATOM   324 O  O   . LYS A 1 45 ? -5.472  -3.767  -0.164  1.00 43.85  ? 216 LYS A O   1 
ATOM   325 C  CB  . LYS A 1 45 ? -3.359  -3.812  -2.704  1.00 58.42  ? 216 LYS A CB  1 
ATOM   326 C  CG  . LYS A 1 45 ? -2.708  -2.838  -3.664  1.00 70.00  ? 216 LYS A CG  1 
ATOM   327 C  CD  . LYS A 1 45 ? -2.892  -3.348  -5.077  1.00 72.57  ? 216 LYS A CD  1 
ATOM   328 C  CE  . LYS A 1 45 ? -1.864  -2.782  -6.035  1.00 79.62  ? 216 LYS A CE  1 
ATOM   329 N  NZ  . LYS A 1 45 ? -2.008  -3.424  -7.377  1.00 93.51  ? 216 LYS A NZ  1 
ATOM   330 N  N   . GLU A 1 46 ? -3.962  -5.439  -0.143  1.00 42.99  ? 217 GLU A N   1 
ATOM   331 C  CA  . GLU A 1 46 ? -4.838  -6.391  0.535   1.00 55.12  ? 217 GLU A CA  1 
ATOM   332 C  C   . GLU A 1 46 ? -5.212  -5.875  1.918   1.00 55.83  ? 217 GLU A C   1 
ATOM   333 O  O   . GLU A 1 46 ? -6.366  -5.965  2.334   1.00 57.41  ? 217 GLU A O   1 
ATOM   334 C  CB  . GLU A 1 46 ? -4.174  -7.774  0.633   1.00 53.64  ? 217 GLU A CB  1 
ATOM   335 C  CG  . GLU A 1 46 ? -4.966  -8.788  1.449   1.00 77.20  ? 217 GLU A CG  1 
ATOM   336 C  CD  . GLU A 1 46 ? -4.520  -8.866  2.907   1.00 97.85  ? 217 GLU A CD  1 
ATOM   337 O  OE1 . GLU A 1 46 ? -3.376  -8.453  3.210   1.00 100.99 ? 217 GLU A OE1 1 
ATOM   338 O  OE2 . GLU A 1 46 ? -5.314  -9.342  3.752   1.00 101.42 ? 217 GLU A OE2 1 
ATOM   339 N  N   . GLU A 1 47 ? -4.228  -5.324  2.622   1.00 54.89  ? 218 GLU A N   1 
ATOM   340 C  CA  . GLU A 1 47 ? -4.444  -4.839  3.982   1.00 46.42  ? 218 GLU A CA  1 
ATOM   341 C  C   . GLU A 1 47 ? -5.318  -3.588  3.973   1.00 34.81  ? 218 GLU A C   1 
ATOM   342 O  O   . GLU A 1 47 ? -6.174  -3.434  4.832   1.00 37.35  ? 218 GLU A O   1 
ATOM   343 C  CB  . GLU A 1 47 ? -3.110  -4.551  4.676   1.00 44.22  ? 218 GLU A CB  1 
ATOM   344 C  CG  . GLU A 1 47 ? -3.203  -4.348  6.180   1.00 70.77  ? 218 GLU A CG  1 
ATOM   345 C  CD  . GLU A 1 47 ? -1.854  -3.991  6.790   1.00 90.91  ? 218 GLU A CD  1 
ATOM   346 O  OE1 . GLU A 1 47 ? -0.816  -4.201  6.116   1.00 97.65  ? 218 GLU A OE1 1 
ATOM   347 O  OE2 . GLU A 1 47 ? -1.829  -3.492  7.937   1.00 91.04  ? 218 GLU A OE2 1 
ATOM   348 N  N   . SER A 1 48 ? -5.100  -2.694  3.008   1.00 33.40  ? 219 SER A N   1 
ATOM   349 C  CA  . SER A 1 48 ? -5.947  -1.518  2.869   1.00 39.32  ? 219 SER A CA  1 
ATOM   350 C  C   . SER A 1 48 ? -7.406  -1.915  2.655   1.00 49.37  ? 219 SER A C   1 
ATOM   351 O  O   . SER A 1 48 ? -8.303  -1.385  3.316   1.00 43.64  ? 219 SER A O   1 
ATOM   352 C  CB  . SER A 1 48 ? -5.476  -0.643  1.717   1.00 40.80  ? 219 SER A CB  1 
ATOM   353 O  OG  . SER A 1 48 ? -6.334  0.484   1.577   1.00 43.81  ? 219 SER A OG  1 
ATOM   354 N  N   . ILE A 1 49 ? -7.640  -2.854  1.743   1.00 51.04  ? 220 ILE A N   1 
ATOM   355 C  CA  . ILE A 1 49 ? -9.007  -3.275  1.420   1.00 59.30  ? 220 ILE A CA  1 
ATOM   356 C  C   . ILE A 1 49 ? -9.640  -3.990  2.621   1.00 46.72  ? 220 ILE A C   1 
ATOM   357 O  O   . ILE A 1 49 ? -10.821 -3.796  2.894   1.00 46.07  ? 220 ILE A O   1 
ATOM   358 C  CB  . ILE A 1 49 ? -9.053  -4.184  0.134   1.00 50.77  ? 220 ILE A CB  1 
ATOM   359 C  CG1 . ILE A 1 49 ? -8.981  -3.312  -1.128  1.00 51.20  ? 220 ILE A CG1 1 
ATOM   360 C  CG2 . ILE A 1 49 ? -10.325 -5.043  0.091   1.00 39.80  ? 220 ILE A CG2 1 
ATOM   361 C  CD1 . ILE A 1 49 ? -8.421  -4.016  -2.332  1.00 60.49  ? 220 ILE A CD1 1 
ATOM   362 N  N   . TYR A 1 50 ? -8.851  -4.772  3.364   1.00 39.73  ? 221 TYR A N   1 
ATOM   363 C  CA  . TYR A 1 50 ? -9.337  -5.398  4.610   1.00 45.63  ? 221 TYR A CA  1 
ATOM   364 C  C   . TYR A 1 50 ? -9.887  -4.352  5.602   1.00 44.56  ? 221 TYR A C   1 
ATOM   365 O  O   . TYR A 1 50 ? -10.984 -4.531  6.139   1.00 54.67  ? 221 TYR A O   1 
ATOM   366 C  CB  . TYR A 1 50 ? -8.224  -6.223  5.283   1.00 51.52  ? 221 TYR A CB  1 
ATOM   367 C  CG  . TYR A 1 50 ? -8.562  -6.735  6.677   1.00 50.10  ? 221 TYR A CG  1 
ATOM   368 C  CD1 . TYR A 1 50 ? -8.279  -5.971  7.809   1.00 43.19  ? 221 TYR A CD1 1 
ATOM   369 C  CD2 . TYR A 1 50 ? -9.150  -7.991  6.865   1.00 49.30  ? 221 TYR A CD2 1 
ATOM   370 C  CE1 . TYR A 1 50 ? -8.589  -6.426  9.090   1.00 53.32  ? 221 TYR A CE1 1 
ATOM   371 C  CE2 . TYR A 1 50 ? -9.454  -8.464  8.150   1.00 54.47  ? 221 TYR A CE2 1 
ATOM   372 C  CZ  . TYR A 1 50 ? -9.173  -7.670  9.255   1.00 61.71  ? 221 TYR A CZ  1 
ATOM   373 O  OH  . TYR A 1 50 ? -9.462  -8.105  10.530  1.00 75.35  ? 221 TYR A OH  1 
ATOM   374 N  N   . LEU A 1 51 ? -9.132  -3.273  5.834   1.00 40.33  ? 222 LEU A N   1 
ATOM   375 C  CA  . LEU A 1 51 ? -9.568  -2.198  6.721   1.00 45.81  ? 222 LEU A CA  1 
ATOM   376 C  C   . LEU A 1 51 ? -10.799 -1.495  6.162   1.00 39.44  ? 222 LEU A C   1 
ATOM   377 O  O   . LEU A 1 51 ? -11.760 -1.238  6.886   1.00 53.47  ? 222 LEU A O   1 
ATOM   378 C  CB  . LEU A 1 51 ? -8.455  -1.165  6.932   1.00 40.03  ? 222 LEU A CB  1 
ATOM   379 C  CG  . LEU A 1 51 ? -7.180  -1.661  7.596   1.00 45.52  ? 222 LEU A CG  1 
ATOM   380 C  CD1 . LEU A 1 51 ? -6.128  -0.561  7.544   1.00 47.27  ? 222 LEU A CD1 1 
ATOM   381 C  CD2 . LEU A 1 51 ? -7.459  -2.057  9.028   1.00 47.67  ? 222 LEU A CD2 1 
ATOM   382 N  N   . GLY A 1 52 ? -10.750 -1.164  4.875   1.00 47.10  ? 223 GLY A N   1 
ATOM   383 C  CA  . GLY A 1 52 ? -11.858 -0.511  4.199   1.00 46.82  ? 223 GLY A CA  1 
ATOM   384 C  C   . GLY A 1 52 ? -13.169 -1.266  4.349   1.00 46.08  ? 223 GLY A C   1 
ATOM   385 O  O   . GLY A 1 52 ? -14.201 -0.672  4.651   1.00 56.25  ? 223 GLY A O   1 
ATOM   386 N  N   . GLU A 1 53 ? -13.127 -2.578  4.150   1.00 47.38  ? 224 GLU A N   1 
ATOM   387 C  CA  . GLU A 1 53 ? -14.322 -3.398  4.289   1.00 61.99  ? 224 GLU A CA  1 
ATOM   388 C  C   . GLU A 1 53 ? -14.753 -3.491  5.761   1.00 64.63  ? 224 GLU A C   1 
ATOM   389 O  O   . GLU A 1 53 ? -15.943 -3.632  6.057   1.00 59.78  ? 224 GLU A O   1 
ATOM   390 C  CB  . GLU A 1 53 ? -14.100 -4.805  3.702   1.00 54.92  ? 224 GLU A CB  1 
ATOM   391 C  CG  . GLU A 1 53 ? -13.800 -4.846  2.189   1.00 64.74  ? 224 GLU A CG  1 
ATOM   392 C  CD  . GLU A 1 53 ? -14.049 -6.223  1.562   1.00 76.37  ? 224 GLU A CD  1 
ATOM   393 O  OE1 . GLU A 1 53 ? -14.581 -7.109  2.274   1.00 92.77  ? 224 GLU A OE1 1 
ATOM   394 O  OE2 . GLU A 1 53 ? -13.722 -6.420  0.362   1.00 52.97  ? 224 GLU A OE2 1 
ATOM   395 N  N   . LYS A 1 54 ? -13.794 -3.404  6.681   1.00 53.27  ? 225 LYS A N   1 
ATOM   396 C  CA  . LYS A 1 54 ? -14.104 -3.498  8.106   1.00 61.05  ? 225 LYS A CA  1 
ATOM   397 C  C   . LYS A 1 54 ? -14.649 -2.189  8.667   1.00 66.39  ? 225 LYS A C   1 
ATOM   398 O  O   . LYS A 1 54 ? -15.325 -2.182  9.692   1.00 70.93  ? 225 LYS A O   1 
ATOM   399 C  CB  . LYS A 1 54 ? -12.856 -3.935  8.888   1.00 67.41  ? 225 LYS A CB  1 
ATOM   400 C  CG  . LYS A 1 54 ? -13.101 -4.416  10.320  1.00 79.20  ? 225 LYS A CG  1 
ATOM   401 C  CD  . LYS A 1 54 ? -11.758 -4.670  11.019  1.00 83.78  ? 225 LYS A CD  1 
ATOM   402 C  CE  . LYS A 1 54 ? -11.897 -5.305  12.397  1.00 85.52  ? 225 LYS A CE  1 
ATOM   403 N  NZ  . LYS A 1 54 ? -10.542 -5.549  13.009  1.00 70.73  ? 225 LYS A NZ  1 
ATOM   404 N  N   . LEU A 1 55 ? -14.335 -1.076  8.008   1.00 65.68  ? 226 LEU A N   1 
ATOM   405 C  CA  . LEU A 1 55 ? -14.870 0.240   8.401   1.00 67.27  ? 226 LEU A CA  1 
ATOM   406 C  C   . LEU A 1 55 ? -16.319 0.442   7.916   1.00 76.54  ? 226 LEU A C   1 
ATOM   407 O  O   . LEU A 1 55 ? -16.881 1.534   8.004   1.00 84.14  ? 226 LEU A O   1 
ATOM   408 C  CB  . LEU A 1 55 ? -13.977 1.354   7.851   1.00 53.14  ? 226 LEU A CB  1 
ATOM   409 C  CG  . LEU A 1 55 ? -12.557 1.530   8.407   1.00 58.11  ? 226 LEU A CG  1 
ATOM   410 C  CD1 . LEU A 1 55 ? -11.735 2.384   7.448   1.00 56.67  ? 226 LEU A CD1 1 
ATOM   411 C  CD2 . LEU A 1 55 ? -12.574 2.155   9.793   1.00 62.31  ? 226 LEU A CD2 1 
ATOM   412 N  N   . ARG A 1 56 ? -16.914 -0.621  7.395   1.00 85.39  ? 227 ARG A N   1 
ATOM   413 C  CA  . ARG A 1 56 ? -18.249 -0.546  6.835   1.00 91.63  ? 227 ARG A CA  1 
ATOM   414 C  C   . ARG A 1 56 ? -19.051 -1.807  7.161   1.00 90.95  ? 227 ARG A C   1 
ATOM   415 O  O   . ARG A 1 56 ? -19.436 -2.026  8.313   1.00 96.81  ? 227 ARG A O   1 
ATOM   416 C  CB  . ARG A 1 56 ? -18.161 -0.325  5.331   1.00 92.31  ? 227 ARG A CB  1 
ATOM   417 C  CG  . ARG A 1 56 ? -18.388 -1.580  4.521   1.00 109.59 ? 227 ARG A CG  1 
ATOM   418 C  CD  . ARG A 1 56 ? -18.248 -1.285  3.043   1.00 111.65 ? 227 ARG A CD  1 
ATOM   419 N  NE  . ARG A 1 56 ? -19.269 -0.347  2.589   1.00 118.79 ? 227 ARG A NE  1 
ATOM   420 C  CZ  . ARG A 1 56 ? -20.490 -0.706  2.207   1.00 130.49 ? 227 ARG A CZ  1 
ATOM   421 N  NH1 . ARG A 1 56 ? -21.367 0.212   1.816   1.00 129.72 ? 227 ARG A NH1 1 
ATOM   422 N  NH2 . ARG A 1 56 ? -20.830 -1.988  2.214   1.00 133.76 ? 227 ARG A NH2 1 
ATOM   423 N  N   . LYS A 1 69 ? -15.950 13.182  2.835   1.00 97.86  ? 240 LYS A N   1 
ATOM   424 C  CA  . LYS A 1 69 ? -15.959 11.821  2.306   1.00 102.96 ? 240 LYS A CA  1 
ATOM   425 C  C   . LYS A 1 69 ? -15.807 10.813  3.447   1.00 94.59  ? 240 LYS A C   1 
ATOM   426 O  O   . LYS A 1 69 ? -15.002 11.012  4.368   1.00 99.50  ? 240 LYS A O   1 
ATOM   427 C  CB  . LYS A 1 69 ? -14.833 11.614  1.293   1.00 112.97 ? 240 LYS A CB  1 
ATOM   428 C  CG  . LYS A 1 69 ? -15.241 11.727  -0.178  1.00 123.32 ? 240 LYS A CG  1 
ATOM   429 C  CD  . LYS A 1 69 ? -16.277 10.712  -0.619  1.00 120.52 ? 240 LYS A CD  1 
ATOM   430 C  CE  . LYS A 1 69 ? -16.346 10.658  -2.153  1.00 117.60 ? 240 LYS A CE  1 
ATOM   431 N  NZ  . LYS A 1 69 ? -17.039 9.439   -2.669  1.00 115.67 ? 240 LYS A NZ  1 
ATOM   432 N  N   . PRO A 1 70 ? -16.588 9.721   3.399   1.00 74.17  ? 241 PRO A N   1 
ATOM   433 C  CA  . PRO A 1 70 ? -16.433 8.648   4.388   1.00 67.13  ? 241 PRO A CA  1 
ATOM   434 C  C   . PRO A 1 70 ? -15.038 8.037   4.360   1.00 76.65  ? 241 PRO A C   1 
ATOM   435 O  O   . PRO A 1 70 ? -14.452 7.808   3.294   1.00 67.65  ? 241 PRO A O   1 
ATOM   436 C  CB  . PRO A 1 70 ? -17.494 7.623   3.975   1.00 76.25  ? 241 PRO A CB  1 
ATOM   437 C  CG  . PRO A 1 70 ? -17.822 7.949   2.535   1.00 76.82  ? 241 PRO A CG  1 
ATOM   438 C  CD  . PRO A 1 70 ? -17.648 9.431   2.415   1.00 68.86  ? 241 PRO A CD  1 
HETATM 439 N  N   . MSE A 1 71 ? -14.524 7.773   5.553   1.00 64.40  ? 242 MSE A N   1 
HETATM 440 C  CA  . MSE A 1 71 ? -13.171 7.303   5.713   1.00 60.89  ? 242 MSE A CA  1 
HETATM 441 C  C   . MSE A 1 71 ? -12.934 5.993   4.974   1.00 50.30  ? 242 MSE A C   1 
HETATM 442 O  O   . MSE A 1 71 ? -11.855 5.771   4.424   1.00 44.29  ? 242 MSE A O   1 
HETATM 443 C  CB  . MSE A 1 71 ? -12.853 7.144   7.198   1.00 59.99  ? 242 MSE A CB  1 
HETATM 444 C  CG  . MSE A 1 71 ? -11.391 7.268   7.512   1.00 69.20  ? 242 MSE A CG  1 
HETATM 445 SE SE  . MSE A 1 71 ? -11.059 6.833   9.365   0.73 79.56  ? 242 MSE A SE  1 
HETATM 446 C  CE  . MSE A 1 71 ? -9.244  6.171   9.163   1.00 87.68  ? 242 MSE A CE  1 
ATOM   447 N  N   . TYR A 1 72 ? -13.946 5.138   4.925   1.00 43.51  ? 243 TYR A N   1 
ATOM   448 C  CA  . TYR A 1 72 ? -13.738 3.807   4.363   1.00 51.95  ? 243 TYR A CA  1 
ATOM   449 C  C   . TYR A 1 72 ? -13.361 3.858   2.869   1.00 56.20  ? 243 TYR A C   1 
ATOM   450 O  O   . TYR A 1 72 ? -12.659 2.978   2.368   1.00 52.10  ? 243 TYR A O   1 
ATOM   451 C  CB  . TYR A 1 72 ? -14.986 2.941   4.585   1.00 58.15  ? 243 TYR A CB  1 
ATOM   452 C  CG  . TYR A 1 72 ? -16.154 3.211   3.657   1.00 61.00  ? 243 TYR A CG  1 
ATOM   453 C  CD1 . TYR A 1 72 ? -16.260 2.568   2.423   1.00 64.66  ? 243 TYR A CD1 1 
ATOM   454 C  CD2 . TYR A 1 72 ? -17.181 4.068   4.030   1.00 56.56  ? 243 TYR A CD2 1 
ATOM   455 C  CE1 . TYR A 1 72 ? -17.329 2.807   1.580   1.00 64.89  ? 243 TYR A CE1 1 
ATOM   456 C  CE2 . TYR A 1 72 ? -18.249 4.311   3.193   1.00 60.21  ? 243 TYR A CE2 1 
ATOM   457 C  CZ  . TYR A 1 72 ? -18.318 3.676   1.972   1.00 65.26  ? 243 TYR A CZ  1 
ATOM   458 O  OH  . TYR A 1 72 ? -19.388 3.913   1.146   1.00 76.91  ? 243 TYR A OH  1 
ATOM   459 N  N   . LYS A 1 73 ? -13.793 4.907   2.170   1.00 42.29  ? 244 LYS A N   1 
ATOM   460 C  CA  . LYS A 1 73 ? -13.519 5.019   0.738   1.00 48.59  ? 244 LYS A CA  1 
ATOM   461 C  C   . LYS A 1 73 ? -12.017 5.173   0.458   1.00 58.22  ? 244 LYS A C   1 
ATOM   462 O  O   . LYS A 1 73 ? -11.544 4.762   -0.605  1.00 51.01  ? 244 LYS A O   1 
ATOM   463 C  CB  . LYS A 1 73 ? -14.314 6.187   0.118   1.00 52.92  ? 244 LYS A CB  1 
ATOM   464 C  CG  . LYS A 1 73 ? -15.836 5.938   0.017   1.00 60.27  ? 244 LYS A CG  1 
ATOM   465 C  CD  . LYS A 1 73 ? -16.467 6.647   -1.183  1.00 80.07  ? 244 LYS A CD  1 
ATOM   466 C  CE  . LYS A 1 73 ? -18.020 6.680   -1.130  1.00 103.41 ? 244 LYS A CE  1 
ATOM   467 N  NZ  . LYS A 1 73 ? -18.665 5.350   -1.365  1.00 108.84 ? 244 LYS A NZ  1 
ATOM   468 N  N   . LEU A 1 74 ? -11.268 5.736   1.407   1.00 49.26  ? 245 LEU A N   1 
ATOM   469 C  CA  . LEU A 1 74 ? -9.818  5.903   1.244   1.00 47.82  ? 245 LEU A CA  1 
ATOM   470 C  C   . LEU A 1 74 ? -9.136  4.549   1.207   1.00 47.56  ? 245 LEU A C   1 
ATOM   471 O  O   . LEU A 1 74 ? -8.185  4.333   0.452   1.00 49.99  ? 245 LEU A O   1 
ATOM   472 C  CB  . LEU A 1 74 ? -9.213  6.744   2.383   1.00 44.57  ? 245 LEU A CB  1 
ATOM   473 C  CG  . LEU A 1 74 ? -9.519  8.242   2.364   1.00 58.71  ? 245 LEU A CG  1 
ATOM   474 C  CD1 . LEU A 1 74 ? -9.191  8.863   3.719   1.00 55.64  ? 245 LEU A CD1 1 
ATOM   475 C  CD2 . LEU A 1 74 ? -8.747  8.937   1.249   1.00 59.39  ? 245 LEU A CD2 1 
ATOM   476 N  N   . TYR A 1 75 ? -9.627  3.631   2.030   1.00 37.55  ? 246 TYR A N   1 
ATOM   477 C  CA  . TYR A 1 75 ? -8.976  2.339   2.171   1.00 41.27  ? 246 TYR A CA  1 
ATOM   478 C  C   . TYR A 1 75 ? -9.483  1.350   1.115   1.00 47.47  ? 246 TYR A C   1 
ATOM   479 O  O   . TYR A 1 75 ? -8.721  0.505   0.642   1.00 40.54  ? 246 TYR A O   1 
ATOM   480 C  CB  . TYR A 1 75 ? -9.169  1.814   3.600   1.00 36.99  ? 246 TYR A CB  1 
ATOM   481 C  CG  . TYR A 1 75 ? -8.457  2.690   4.612   1.00 38.24  ? 246 TYR A CG  1 
ATOM   482 C  CD1 . TYR A 1 75 ? -9.071  3.821   5.144   1.00 43.18  ? 246 TYR A CD1 1 
ATOM   483 C  CD2 . TYR A 1 75 ? -7.153  2.423   4.986   1.00 40.06  ? 246 TYR A CD2 1 
ATOM   484 C  CE1 . TYR A 1 75 ? -8.407  4.647   6.051   1.00 39.72  ? 246 TYR A CE1 1 
ATOM   485 C  CE2 . TYR A 1 75 ? -6.488  3.232   5.900   1.00 39.35  ? 246 TYR A CE2 1 
ATOM   486 C  CZ  . TYR A 1 75 ? -7.114  4.340   6.419   1.00 43.96  ? 246 TYR A CZ  1 
ATOM   487 O  OH  . TYR A 1 75 ? -6.443  5.140   7.313   1.00 44.21  ? 246 TYR A OH  1 
ATOM   488 N  N   . LEU A 1 76 ? -10.749 1.486   0.718   1.00 42.30  ? 247 LEU A N   1 
ATOM   489 C  CA  . LEU A 1 76 ? -11.312 0.641   -0.331  1.00 50.45  ? 247 LEU A CA  1 
ATOM   490 C  C   . LEU A 1 76 ? -10.766 1.007   -1.706  1.00 49.31  ? 247 LEU A C   1 
ATOM   491 O  O   . LEU A 1 76 ? -10.424 0.129   -2.490  1.00 48.45  ? 247 LEU A O   1 
ATOM   492 C  CB  . LEU A 1 76 ? -12.836 0.736   -0.351  1.00 56.67  ? 247 LEU A CB  1 
ATOM   493 C  CG  . LEU A 1 76 ? -13.526 -0.162  0.669   1.00 56.07  ? 247 LEU A CG  1 
ATOM   494 C  CD1 . LEU A 1 76 ? -15.013 -0.204  0.408   1.00 54.75  ? 247 LEU A CD1 1 
ATOM   495 C  CD2 . LEU A 1 76 ? -12.930 -1.543  0.585   1.00 53.22  ? 247 LEU A CD2 1 
ATOM   496 N  N   . TYR A 1 77 ? -10.673 2.306   -1.980  1.00 45.83  ? 248 TYR A N   1 
ATOM   497 C  CA  . TYR A 1 77 ? -10.415 2.793   -3.323  1.00 51.21  ? 248 TYR A CA  1 
ATOM   498 C  C   . TYR A 1 77 ? -9.144  3.621   -3.468  1.00 52.40  ? 248 TYR A C   1 
ATOM   499 O  O   . TYR A 1 77 ? -8.294  3.305   -4.305  1.00 54.55  ? 248 TYR A O   1 
ATOM   500 C  CB  . TYR A 1 77 ? -11.626 3.600   -3.802  1.00 49.27  ? 248 TYR A CB  1 
ATOM   501 C  CG  . TYR A 1 77 ? -12.916 2.840   -3.616  1.00 58.09  ? 248 TYR A CG  1 
ATOM   502 C  CD1 . TYR A 1 77 ? -13.059 1.560   -4.140  1.00 61.48  ? 248 TYR A CD1 1 
ATOM   503 C  CD2 . TYR A 1 77 ? -13.984 3.388   -2.919  1.00 60.31  ? 248 TYR A CD2 1 
ATOM   504 C  CE1 . TYR A 1 77 ? -14.226 0.849   -3.981  1.00 64.18  ? 248 TYR A CE1 1 
ATOM   505 C  CE2 . TYR A 1 77 ? -15.161 2.680   -2.749  1.00 60.29  ? 248 TYR A CE2 1 
ATOM   506 C  CZ  . TYR A 1 77 ? -15.272 1.407   -3.286  1.00 61.23  ? 248 TYR A CZ  1 
ATOM   507 O  OH  . TYR A 1 77 ? -16.421 0.676   -3.129  1.00 75.06  ? 248 TYR A OH  1 
ATOM   508 N  N   . GLU A 1 78 ? -8.992  4.666   -2.663  1.00 50.25  ? 249 GLU A N   1 
ATOM   509 C  CA  . GLU A 1 78 ? -7.920  5.618   -2.949  1.00 51.51  ? 249 GLU A CA  1 
ATOM   510 C  C   . GLU A 1 78 ? -6.524  5.017   -2.717  1.00 47.42  ? 249 GLU A C   1 
ATOM   511 O  O   . GLU A 1 78 ? -5.696  5.069   -3.619  1.00 47.05  ? 249 GLU A O   1 
ATOM   512 C  CB  . GLU A 1 78 ? -8.110  6.904   -2.139  1.00 65.29  ? 249 GLU A CB  1 
ATOM   513 C  CG  . GLU A 1 78 ? -7.590  8.134   -2.875  1.00 82.32  ? 249 GLU A CG  1 
ATOM   514 C  CD  . GLU A 1 78 ? -8.237  9.436   -2.428  1.00 96.65  ? 249 GLU A CD  1 
ATOM   515 O  OE1 . GLU A 1 78 ? -9.484  9.473   -2.283  1.00 96.51  ? 249 GLU A OE1 1 
ATOM   516 O  OE2 . GLU A 1 78 ? -7.497  10.429  -2.246  1.00 102.84 ? 249 GLU A OE2 1 
ATOM   517 N  N   . TYR A 1 79 ? -6.252  4.426   -1.552  1.00 38.66  ? 250 TYR A N   1 
ATOM   518 C  CA  . TYR A 1 79 ? -4.929  3.869   -1.326  1.00 43.87  ? 250 TYR A CA  1 
ATOM   519 C  C   . TYR A 1 79 ? -4.631  2.710   -2.296  1.00 45.59  ? 250 TYR A C   1 
ATOM   520 O  O   . TYR A 1 79 ? -3.550  2.681   -2.888  1.00 54.43  ? 250 TYR A O   1 
ATOM   521 C  CB  . TYR A 1 79 ? -4.753  3.448   0.135   1.00 39.89  ? 250 TYR A CB  1 
ATOM   522 C  CG  . TYR A 1 79 ? -4.895  4.621   1.087   1.00 44.11  ? 250 TYR A CG  1 
ATOM   523 C  CD1 . TYR A 1 79 ? -4.549  5.909   0.693   1.00 55.04  ? 250 TYR A CD1 1 
ATOM   524 C  CD2 . TYR A 1 79 ? -5.389  4.445   2.370   1.00 45.17  ? 250 TYR A CD2 1 
ATOM   525 C  CE1 . TYR A 1 79 ? -4.689  6.988   1.553   1.00 57.70  ? 250 TYR A CE1 1 
ATOM   526 C  CE2 . TYR A 1 79 ? -5.528  5.523   3.246   1.00 46.92  ? 250 TYR A CE2 1 
ATOM   527 C  CZ  . TYR A 1 79 ? -5.176  6.779   2.839   1.00 52.50  ? 250 TYR A CZ  1 
ATOM   528 O  OH  . TYR A 1 79 ? -5.330  7.837   3.713   1.00 50.26  ? 250 TYR A OH  1 
ATOM   529 N  N   . PRO A 1 80 ? -5.569  1.769   -2.490  1.00 45.37  ? 251 PRO A N   1 
ATOM   530 C  CA  . PRO A 1 80 ? -5.284  0.784   -3.544  1.00 46.60  ? 251 PRO A CA  1 
ATOM   531 C  C   . PRO A 1 80 ? -4.964  1.411   -4.920  1.00 45.66  ? 251 PRO A C   1 
ATOM   532 O  O   . PRO A 1 80 ? -4.097  0.910   -5.630  1.00 52.45  ? 251 PRO A O   1 
ATOM   533 C  CB  . PRO A 1 80 ? -6.576  -0.026  -3.609  1.00 50.04  ? 251 PRO A CB  1 
ATOM   534 C  CG  . PRO A 1 80 ? -7.147  0.092   -2.206  1.00 47.47  ? 251 PRO A CG  1 
ATOM   535 C  CD  . PRO A 1 80 ? -6.865  1.509   -1.837  1.00 52.24  ? 251 PRO A CD  1 
ATOM   536 N  N   . ASP A 1 81 ? -5.629  2.499   -5.292  1.00 41.94  ? 252 ASP A N   1 
ATOM   537 C  CA  . ASP A 1 81 ? -5.280  3.183   -6.543  1.00 45.71  ? 252 ASP A CA  1 
ATOM   538 C  C   . ASP A 1 81 ? -3.876  3.801   -6.510  1.00 55.53  ? 252 ASP A C   1 
ATOM   539 O  O   . ASP A 1 81 ? -3.154  3.738   -7.505  1.00 53.07  ? 252 ASP A O   1 
ATOM   540 C  CB  . ASP A 1 81 ? -6.302  4.273   -6.887  1.00 59.28  ? 252 ASP A CB  1 
ATOM   541 C  CG  . ASP A 1 81 ? -5.905  5.078   -8.130  1.00 90.54  ? 252 ASP A CG  1 
ATOM   542 O  OD1 . ASP A 1 81 ? -5.961  4.527   -9.255  1.00 89.47  ? 252 ASP A OD1 1 
ATOM   543 O  OD2 . ASP A 1 81 ? -5.509  6.257   -7.980  1.00 105.01 ? 252 ASP A OD2 1 
ATOM   544 N  N   . ARG A 1 82 ? -3.484  4.392   -5.378  1.00 54.76  ? 253 ARG A N   1 
ATOM   545 C  CA  . ARG A 1 82 ? -2.150  4.994   -5.276  1.00 58.43  ? 253 ARG A CA  1 
ATOM   546 C  C   . ARG A 1 82 ? -1.071  3.913   -5.343  1.00 47.84  ? 253 ARG A C   1 
ATOM   547 O  O   . ARG A 1 82 ? -0.059  4.086   -6.024  1.00 51.31  ? 253 ARG A O   1 
ATOM   548 C  CB  . ARG A 1 82 ? -2.012  5.820   -3.998  1.00 58.10  ? 253 ARG A CB  1 
ATOM   549 C  CG  . ARG A 1 82 ? -3.107  6.866   -3.880  1.00 70.58  ? 253 ARG A CG  1 
ATOM   550 C  CD  . ARG A 1 82 ? -2.817  7.847   -2.780  1.00 79.88  ? 253 ARG A CD  1 
ATOM   551 N  NE  . ARG A 1 82 ? -4.038  8.404   -2.212  1.00 88.59  ? 253 ARG A NE  1 
ATOM   552 C  CZ  . ARG A 1 82 ? -4.091  9.507   -1.473  1.00 93.08  ? 253 ARG A CZ  1 
ATOM   553 N  NH1 . ARG A 1 82 ? -2.986  10.193  -1.209  1.00 102.66 ? 253 ARG A NH1 1 
ATOM   554 N  NH2 . ARG A 1 82 ? -5.256  9.926   -1.001  1.00 88.41  ? 253 ARG A NH2 1 
ATOM   555 N  N   . LEU A 1 83 ? -1.317  2.797   -4.659  1.00 40.91  ? 254 LEU A N   1 
ATOM   556 C  CA  . LEU A 1 83 ? -0.429  1.643   -4.674  1.00 53.81  ? 254 LEU A CA  1 
ATOM   557 C  C   . LEU A 1 83 ? -0.252  1.106   -6.093  1.00 54.91  ? 254 LEU A C   1 
ATOM   558 O  O   . LEU A 1 83 ? 0.862   0.800   -6.523  1.00 59.85  ? 254 LEU A O   1 
ATOM   559 C  CB  . LEU A 1 83 ? -0.966  0.551   -3.741  1.00 47.11  ? 254 LEU A CB  1 
ATOM   560 C  CG  . LEU A 1 83 ? -0.800  0.979   -2.282  1.00 48.13  ? 254 LEU A CG  1 
ATOM   561 C  CD1 . LEU A 1 83 ? -1.592  0.095   -1.336  1.00 35.49  ? 254 LEU A CD1 1 
ATOM   562 C  CD2 . LEU A 1 83 ? 0.676   0.955   -1.930  1.00 40.94  ? 254 LEU A CD2 1 
ATOM   563 N  N   . GLU A 1 84 ? -1.351  1.018   -6.829  1.00 54.91  ? 255 GLU A N   1 
ATOM   564 C  CA  . GLU A 1 84 ? -1.305  0.588   -8.219  1.00 52.41  ? 255 GLU A CA  1 
ATOM   565 C  C   . GLU A 1 84 ? -0.444  1.532   -9.053  1.00 56.73  ? 255 GLU A C   1 
ATOM   566 O  O   . GLU A 1 84 ? 0.316   1.087   -9.910  1.00 69.01  ? 255 GLU A O   1 
ATOM   567 C  CB  . GLU A 1 84 ? -2.716  0.502   -8.802  1.00 51.55  ? 255 GLU A CB  1 
ATOM   568 C  CG  . GLU A 1 84 ? -2.765  -0.050  -10.221 1.00 70.49  ? 255 GLU A CG  1 
ATOM   569 C  CD  . GLU A 1 84 ? -2.260  -1.476  -10.289 1.00 92.36  ? 255 GLU A CD  1 
ATOM   570 O  OE1 . GLU A 1 84 ? -2.436  -2.211  -9.290  1.00 86.44  ? 255 GLU A OE1 1 
ATOM   571 O  OE2 . GLU A 1 84 ? -1.688  -1.858  -11.335 1.00 110.07 ? 255 GLU A OE2 1 
ATOM   572 N  N   . HIS A 1 85 ? -0.573  2.833   -8.795  1.00 49.58  ? 256 HIS A N   1 
ATOM   573 C  CA  . HIS A 1 85 ? 0.254   3.857   -9.443  1.00 56.34  ? 256 HIS A CA  1 
ATOM   574 C  C   . HIS A 1 85 ? 1.732   3.588   -9.203  1.00 60.80  ? 256 HIS A C   1 
ATOM   575 O  O   . HIS A 1 85 ? 2.528   3.479   -10.141 1.00 62.26  ? 256 HIS A O   1 
ATOM   576 C  CB  . HIS A 1 85 ? -0.116  5.243   -8.914  1.00 73.76  ? 256 HIS A CB  1 
ATOM   577 C  CG  . HIS A 1 85 ? 0.722   6.356   -9.461  1.00 89.85  ? 256 HIS A CG  1 
ATOM   578 N  ND1 . HIS A 1 85 ? 0.478   6.937   -10.688 1.00 98.06  ? 256 HIS A ND1 1 
ATOM   579 C  CD2 . HIS A 1 85 ? 1.788   7.006   -8.940  1.00 94.19  ? 256 HIS A CD2 1 
ATOM   580 C  CE1 . HIS A 1 85 ? 1.366   7.892   -10.903 1.00 101.89 ? 256 HIS A CE1 1 
ATOM   581 N  NE2 . HIS A 1 85 ? 2.172   7.955   -9.858  1.00 100.49 ? 256 HIS A NE2 1 
ATOM   582 N  N   . GLN A 1 86 ? 2.093   3.479   -7.931  1.00 52.80  ? 257 GLN A N   1 
ATOM   583 C  CA  . GLN A 1 86 ? 3.470   3.231   -7.568  1.00 55.84  ? 257 GLN A CA  1 
ATOM   584 C  C   . GLN A 1 86 ? 3.972   1.937   -8.188  1.00 62.86  ? 257 GLN A C   1 
ATOM   585 O  O   . GLN A 1 86 ? 5.120   1.858   -8.617  1.00 67.38  ? 257 GLN A O   1 
ATOM   586 C  CB  . GLN A 1 86 ? 3.631   3.174   -6.053  1.00 50.65  ? 257 GLN A CB  1 
ATOM   587 C  CG  . GLN A 1 86 ? 4.954   3.751   -5.611  1.00 71.49  ? 257 GLN A CG  1 
ATOM   588 C  CD  . GLN A 1 86 ? 5.294   3.389   -4.193  1.00 87.49  ? 257 GLN A CD  1 
ATOM   589 O  OE1 . GLN A 1 86 ? 4.456   2.867   -3.452  1.00 87.16  ? 257 GLN A OE1 1 
ATOM   590 N  NE2 . GLN A 1 86 ? 6.541   3.638   -3.806  1.00 95.17  ? 257 GLN A NE2 1 
ATOM   591 N  N   . LYS A 1 87 ? 3.103   0.929   -8.234  1.00 49.15  ? 258 LYS A N   1 
ATOM   592 C  CA  . LYS A 1 87 ? 3.447   -0.344  -8.845  1.00 55.10  ? 258 LYS A CA  1 
ATOM   593 C  C   . LYS A 1 87 ? 3.831   -0.191  -10.321 1.00 55.74  ? 258 LYS A C   1 
ATOM   594 O  O   . LYS A 1 87 ? 4.877   -0.691  -10.746 1.00 62.38  ? 258 LYS A O   1 
ATOM   595 C  CB  . LYS A 1 87 ? 2.287   -1.336  -8.698  1.00 58.35  ? 258 LYS A CB  1 
ATOM   596 C  CG  . LYS A 1 87 ? 2.412   -2.568  -9.584  1.00 56.57  ? 258 LYS A CG  1 
ATOM   597 C  CD  . LYS A 1 87 ? 1.420   -3.646  -9.178  1.00 52.82  ? 258 LYS A CD  1 
ATOM   598 C  CE  . LYS A 1 87 ? 1.302   -4.712  -10.257 1.00 64.85  ? 258 LYS A CE  1 
ATOM   599 N  NZ  . LYS A 1 87 ? 0.637   -5.936  -9.737  1.00 70.79  ? 258 LYS A NZ  1 
ATOM   600 N  N   . LYS A 1 88 ? 3.005   0.502   -11.098 1.00 61.67  ? 259 LYS A N   1 
ATOM   601 C  CA  . LYS A 1 88 ? 3.287   0.681   -12.523 1.00 67.32  ? 259 LYS A CA  1 
ATOM   602 C  C   . LYS A 1 88 ? 4.636   1.376   -12.719 1.00 75.05  ? 259 LYS A C   1 
ATOM   603 O  O   . LYS A 1 88 ? 5.420   1.006   -13.594 1.00 81.63  ? 259 LYS A O   1 
ATOM   604 C  CB  . LYS A 1 88 ? 2.169   1.475   -13.205 1.00 73.93  ? 259 LYS A CB  1 
ATOM   605 C  CG  . LYS A 1 88 ? 0.829   0.746   -13.251 1.00 90.06  ? 259 LYS A CG  1 
ATOM   606 C  CD  . LYS A 1 88 ? -0.242  1.580   -13.959 1.00 107.42 ? 259 LYS A CD  1 
ATOM   607 C  CE  . LYS A 1 88 ? -1.605  0.887   -13.949 1.00 104.34 ? 259 LYS A CE  1 
ATOM   608 N  NZ  . LYS A 1 88 ? -1.611  -0.402  -14.698 1.00 110.83 ? 259 LYS A NZ  1 
ATOM   609 N  N   . ILE A 1 89 ? 4.903   2.371   -11.881 1.00 66.05  ? 260 ILE A N   1 
ATOM   610 C  CA  . ILE A 1 89 ? 6.159   3.107   -11.924 1.00 60.98  ? 260 ILE A CA  1 
ATOM   611 C  C   . ILE A 1 89 ? 7.367   2.181   -11.747 1.00 61.49  ? 260 ILE A C   1 
ATOM   612 O  O   . ILE A 1 89 ? 8.318   2.234   -12.521 1.00 69.68  ? 260 ILE A O   1 
ATOM   613 C  CB  . ILE A 1 89 ? 6.164   4.208   -10.848 1.00 64.10  ? 260 ILE A CB  1 
ATOM   614 C  CG1 . ILE A 1 89 ? 5.179   5.311   -11.249 1.00 73.76  ? 260 ILE A CG1 1 
ATOM   615 C  CG2 . ILE A 1 89 ? 7.561   4.782   -10.657 1.00 69.95  ? 260 ILE A CG2 1 
ATOM   616 C  CD1 . ILE A 1 89 ? 5.069   6.422   -10.240 1.00 79.93  ? 260 ILE A CD1 1 
ATOM   617 N  N   . ILE A 1 90 ? 7.301   1.323   -10.735 1.00 54.48  ? 261 ILE A N   1 
ATOM   618 C  CA  . ILE A 1 90 ? 8.350   0.361   -10.434 1.00 54.94  ? 261 ILE A CA  1 
ATOM   619 C  C   . ILE A 1 90 ? 8.479   -0.677  -11.531 1.00 67.54  ? 261 ILE A C   1 
ATOM   620 O  O   . ILE A 1 90 ? 9.559   -1.202  -11.761 1.00 68.27  ? 261 ILE A O   1 
ATOM   621 C  CB  . ILE A 1 90 ? 8.073   -0.340  -9.103  1.00 55.69  ? 261 ILE A CB  1 
ATOM   622 C  CG1 . ILE A 1 90 ? 8.104   0.689   -7.974  1.00 57.08  ? 261 ILE A CG1 1 
ATOM   623 C  CG2 . ILE A 1 90 ? 9.078   -1.450  -8.845  1.00 56.16  ? 261 ILE A CG2 1 
ATOM   624 C  CD1 . ILE A 1 90 ? 7.759   0.130   -6.619  1.00 47.54  ? 261 ILE A CD1 1 
ATOM   625 N  N   . LEU A 1 91 ? 7.382   -0.913  -12.239 1.00 79.33  ? 262 LEU A N   1 
ATOM   626 C  CA  . LEU A 1 91 ? 7.390   -1.824  -13.372 1.00 76.03  ? 262 LEU A CA  1 
ATOM   627 C  C   . LEU A 1 91 ? 7.992   -1.068  -14.563 1.00 75.56  ? 262 LEU A C   1 
ATOM   628 O  O   . LEU A 1 91 ? 8.425   -1.675  -15.542 1.00 94.52  ? 262 LEU A O   1 
ATOM   629 C  CB  . LEU A 1 91 ? 5.974   -2.294  -13.699 1.00 69.45  ? 262 LEU A CB  1 
ATOM   630 C  CG  . LEU A 1 91 ? 5.373   -3.340  -12.758 1.00 68.15  ? 262 LEU A CG  1 
ATOM   631 C  CD1 . LEU A 1 91 ? 3.900   -3.559  -13.069 1.00 62.94  ? 262 LEU A CD1 1 
ATOM   632 C  CD2 . LEU A 1 91 ? 6.143   -4.650  -12.848 1.00 65.57  ? 262 LEU A CD2 1 
ATOM   633 N  N   . GLU A 1 92 ? 8.012   0.258   -14.467 1.00 70.02  ? 263 GLU A N   1 
ATOM   634 C  CA  . GLU A 1 92 ? 8.557   1.094   -15.530 1.00 88.74  ? 263 GLU A CA  1 
ATOM   635 C  C   . GLU A 1 92 ? 10.077  0.983   -15.597 1.00 86.36  ? 263 GLU A C   1 
ATOM   636 O  O   . GLU A 1 92 ? 10.662  1.004   -16.679 1.00 88.86  ? 263 GLU A O   1 
ATOM   637 C  CB  . GLU A 1 92 ? 8.145   2.554   -15.325 1.00 102.86 ? 263 GLU A CB  1 
ATOM   638 C  CG  . GLU A 1 92 ? 8.330   3.428   -16.555 1.00 117.08 ? 263 GLU A CG  1 
ATOM   639 C  CD  . GLU A 1 92 ? 9.755   3.925   -16.708 1.00 132.58 ? 263 GLU A CD  1 
ATOM   640 O  OE1 . GLU A 1 92 ? 10.307  4.462   -15.724 1.00 131.68 ? 263 GLU A OE1 1 
ATOM   641 O  OE2 . GLU A 1 92 ? 10.322  3.779   -17.810 1.00 143.73 ? 263 GLU A OE2 1 
ATOM   642 N  N   . LYS A 1 93 ? 10.709  0.865   -14.434 1.00 88.58  ? 264 LYS A N   1 
ATOM   643 C  CA  . LYS A 1 93 ? 12.160  0.751   -14.359 1.00 96.59  ? 264 LYS A CA  1 
ATOM   644 C  C   . LYS A 1 93 ? 12.631  -0.620  -14.832 1.00 95.19  ? 264 LYS A C   1 
ATOM   645 O  O   . LYS A 1 93 ? 13.356  -0.731  -15.821 1.00 103.33 ? 264 LYS A O   1 
ATOM   646 C  CB  . LYS A 1 93 ? 12.645  1.009   -12.931 1.00 95.62  ? 264 LYS A CB  1 
ATOM   647 C  CG  . LYS A 1 93 ? 12.347  2.409   -12.418 1.00 102.10 ? 264 LYS A CG  1 
ATOM   648 C  CD  . LYS A 1 93 ? 13.562  3.314   -12.544 1.00 111.66 ? 264 LYS A CD  1 
ATOM   649 C  CE  . LYS A 1 93 ? 13.349  4.629   -11.811 1.00 108.95 ? 264 LYS A CE  1 
ATOM   650 N  NZ  . LYS A 1 93 ? 11.950  5.119   -11.946 1.00 99.76  ? 264 LYS A NZ  1 
ATOM   651 N  N   . ASP A 1 94 ? 12.215  -1.662  -14.120 1.00 95.75  ? 265 ASP A N   1 
ATOM   652 C  CA  . ASP A 1 94 ? 12.594  -3.027  -14.465 1.00 101.00 ? 265 ASP A CA  1 
ATOM   653 C  C   . ASP A 1 94 ? 12.173  -3.372  -15.890 1.00 110.14 ? 265 ASP A C   1 
ATOM   654 O  O   . ASP A 1 94 ? 12.433  -4.474  -16.374 1.00 116.72 ? 265 ASP A O   1 
ATOM   655 C  CB  . ASP A 1 94 ? 11.975  -4.020  -13.479 1.00 89.79  ? 265 ASP A CB  1 
ATOM   656 C  CG  . ASP A 1 94 ? 12.568  -3.907  -12.089 1.00 92.78  ? 265 ASP A CG  1 
ATOM   657 O  OD1 . ASP A 1 94 ? 13.675  -4.441  -11.869 1.00 88.03  ? 265 ASP A OD1 1 
ATOM   658 O  OD2 . ASP A 1 94 ? 11.927  -3.285  -11.216 1.00 109.46 ? 265 ASP A OD2 1 
ATOM   659 N  N   . THR A 1 95 ? 11.525  -2.424  -16.557 1.00 111.33 ? 266 THR A N   1 
ATOM   660 C  CA  . THR A 1 95 ? 11.069  -2.625  -17.927 1.00 108.44 ? 266 THR A CA  1 
ATOM   661 C  C   . THR A 1 95 ? 10.148  -3.838  -18.028 1.00 101.60 ? 266 THR A C   1 
ATOM   662 O  O   . THR A 1 95 ? 10.609  -4.963  -18.223 1.00 105.21 ? 266 THR A O   1 
ATOM   663 C  CB  . THR A 1 95 ? 12.253  -2.809  -18.895 1.00 111.72 ? 266 THR A CB  1 
ATOM   664 O  OG1 . THR A 1 95 ? 13.122  -3.836  -18.401 1.00 109.27 ? 266 THR A OG1 1 
ATOM   665 C  CG2 . THR A 1 95 ? 13.034  -1.512  -19.032 1.00 113.02 ? 266 THR A CG2 1 
HETATM 666 O  O   . HOH B 2 .  ? 7.954   -9.068  -6.161  1.00 72.69  ? 301 HOH A O   1 
HETATM 667 O  O   . HOH B 2 .  ? -3.479  -3.237  9.740   1.00 48.68  ? 302 HOH A O   1 
HETATM 668 O  O   . HOH B 2 .  ? -8.070  -8.064  1.484   1.00 47.43  ? 303 HOH A O   1 
HETATM 669 O  O   . HOH B 2 .  ? -8.551  1.197   18.895  1.00 64.99  ? 304 HOH A O   1 
HETATM 670 O  O   . HOH B 2 .  ? -6.762  7.853   6.183   1.00 55.21  ? 305 HOH A O   1 
HETATM 671 O  O   . HOH B 2 .  ? 0.757   6.006   5.437   1.00 45.91  ? 306 HOH A O   1 
HETATM 672 O  O   . HOH B 2 .  ? -2.219  6.000   -10.981 1.00 79.14  ? 307 HOH A O   1 
HETATM 673 O  O   . HOH B 2 .  ? -14.932 0.563   12.910  1.00 73.56  ? 308 HOH A O   1 
HETATM 674 O  O   . HOH B 2 .  ? -10.008 -0.358  -5.476  1.00 49.92  ? 309 HOH A O   1 
HETATM 675 O  O   . HOH B 2 .  ? 4.036   -1.699  10.497  1.00 60.06  ? 310 HOH A O   1 
HETATM 676 O  O   . HOH B 2 .  ? -12.802 -7.209  6.429   1.00 75.56  ? 311 HOH A O   1 
HETATM 677 O  O   . HOH B 2 .  ? 1.961   1.540   14.321  1.00 65.00  ? 312 HOH A O   1 
HETATM 678 O  O   . HOH B 2 .  ? -15.188 10.016  8.203   1.00 94.84  ? 313 HOH A O   1 
HETATM 679 O  O   . HOH B 2 .  ? 11.966  -0.788  3.576   1.00 81.98  ? 314 HOH A O   1 
HETATM 680 O  O   . HOH B 2 .  ? -7.071  -7.698  -2.121  1.00 63.83  ? 315 HOH A O   1 
HETATM 681 O  O   . HOH B 2 .  ? 9.635   -10.463 -1.517  1.00 77.29  ? 316 HOH A O   1 
HETATM 682 O  O   . HOH B 2 .  ? -1.476  2.189   21.214  1.00 71.08  ? 317 HOH A O   1 
HETATM 683 O  O   . HOH B 2 .  ? 16.172  7.981   -11.244 1.00 86.94  ? 318 HOH A O   1 
HETATM 684 O  O   . HOH B 2 .  ? -14.084 4.934   -6.200  1.00 75.93  ? 319 HOH A O   1 
# 
